data_7MOO
# 
_entry.id   7MOO 
# 
_audit_conform.dict_name       mmcif_pdbx.dic 
_audit_conform.dict_version    5.380 
_audit_conform.dict_location   http://mmcif.pdb.org/dictionaries/ascii/mmcif_pdbx.dic 
# 
loop_
_database_2.database_id 
_database_2.database_code 
_database_2.pdbx_database_accession 
_database_2.pdbx_DOI 
PDB   7MOO         pdb_00007moo 10.2210/pdb7moo/pdb 
WWPDB D_1000256597 ?            ?                   
# 
_pdbx_database_status.status_code                     REL 
_pdbx_database_status.status_code_sf                  REL 
_pdbx_database_status.status_code_mr                  ? 
_pdbx_database_status.entry_id                        7MOO 
_pdbx_database_status.recvd_initial_deposition_date   2021-05-03 
_pdbx_database_status.SG_entry                        N 
_pdbx_database_status.deposit_site                    RCSB 
_pdbx_database_status.process_site                    RCSB 
_pdbx_database_status.status_code_cs                  ? 
_pdbx_database_status.status_code_nmr_data            ? 
_pdbx_database_status.methods_development_category    ? 
_pdbx_database_status.pdb_format_compatible           Y 
# 
loop_
_audit_author.name 
_audit_author.pdbx_ordinal 
_audit_author.identifier_ORCID 
'Dantsu, Y.' 1 ? 
'Zhang, Y.'  2 ? 
'Zhang, W.'  3 ? 
# 
_citation.abstract                  ? 
_citation.abstract_id_CAS           ? 
_citation.book_id_ISBN              ? 
_citation.book_publisher            ? 
_citation.book_publisher_city       ? 
_citation.book_title                ? 
_citation.coordinate_linkage        ? 
_citation.country                   DE 
_citation.database_id_Medline       ? 
_citation.details                   ? 
_citation.id                        primary 
_citation.journal_abbrev            Chemistryselect 
_citation.journal_id_ASTM           ? 
_citation.journal_id_CSD            ? 
_citation.journal_id_ISSN           2365-6549 
_citation.journal_full              ? 
_citation.journal_issue             ? 
_citation.journal_volume            6 
_citation.language                  ? 
_citation.page_first                10597 
_citation.page_last                 10600 
_citation.title                     
;Synthesis of 2'-Deoxy-2'-fluoro-L-cytidine and Fluorinated L-Nucleic Acids for Structural Studies
;
_citation.year                      2021 
_citation.database_id_CSD           ? 
_citation.pdbx_database_id_DOI      10.1002/slct.202103202 
_citation.pdbx_database_id_PubMed   ? 
_citation.pdbx_database_id_patent   ? 
_citation.unpublished_flag          ? 
# 
loop_
_citation_author.citation_id 
_citation_author.name 
_citation_author.ordinal 
_citation_author.identifier_ORCID 
primary 'Dantsu, Y.' 1 ? 
primary 'Zhang, Y.'  2 ? 
primary 'Zhang, W.'  3 ? 
# 
_cell.angle_alpha                  90.00 
_cell.angle_alpha_esd              ? 
_cell.angle_beta                   90.00 
_cell.angle_beta_esd               ? 
_cell.angle_gamma                  120.00 
_cell.angle_gamma_esd              ? 
_cell.entry_id                     7MOO 
_cell.details                      ? 
_cell.formula_units_Z              ? 
_cell.length_a                     43.840 
_cell.length_a_esd                 ? 
_cell.length_b                     43.840 
_cell.length_b_esd                 ? 
_cell.length_c                     41.250 
_cell.length_c_esd                 ? 
_cell.volume                       ? 
_cell.volume_esd                   ? 
_cell.Z_PDB                        12 
_cell.reciprocal_angle_alpha       ? 
_cell.reciprocal_angle_beta        ? 
_cell.reciprocal_angle_gamma       ? 
_cell.reciprocal_angle_alpha_esd   ? 
_cell.reciprocal_angle_beta_esd    ? 
_cell.reciprocal_angle_gamma_esd   ? 
_cell.reciprocal_length_a          ? 
_cell.reciprocal_length_b          ? 
_cell.reciprocal_length_c          ? 
_cell.reciprocal_length_a_esd      ? 
_cell.reciprocal_length_b_esd      ? 
_cell.reciprocal_length_c_esd      ? 
_cell.pdbx_unique_axis             ? 
# 
_symmetry.entry_id                         7MOO 
_symmetry.cell_setting                     ? 
_symmetry.Int_Tables_number                170 
_symmetry.space_group_name_Hall            ? 
_symmetry.space_group_name_H-M             'P 65' 
_symmetry.pdbx_full_space_group_name_H-M   ? 
# 
loop_
_entity.id 
_entity.type 
_entity.src_method 
_entity.pdbx_description 
_entity.formula_weight 
_entity.pdbx_number_of_molecules 
_entity.pdbx_ec 
_entity.pdbx_mutation 
_entity.pdbx_fragment 
_entity.details 
1 polymer syn 
;DNA (5'-D(*(0DG)P*(OFC)P*(0DG)P*(0DT)P*(0DA)P*(0DC)P*(0DG)P*(0DC))-3')
;
2445.596 2  ? ? ? ? 
2 water   nat water                                                                    18.015   35 ? ? ? ? 
# 
_entity_poly.entity_id                      1 
_entity_poly.type                           polydeoxyribonucleotide 
_entity_poly.nstd_linkage                   no 
_entity_poly.nstd_monomer                   yes 
_entity_poly.pdbx_seq_one_letter_code       '(0DG)(OFC)(0DG)(0DT)(0DA)(0DC)(0DG)(0DC)' 
_entity_poly.pdbx_seq_one_letter_code_can   GXGTACGC 
_entity_poly.pdbx_strand_id                 A,B 
_entity_poly.pdbx_target_identifier         ? 
# 
loop_
_entity_poly_seq.entity_id 
_entity_poly_seq.num 
_entity_poly_seq.mon_id 
_entity_poly_seq.hetero 
1 1 0DG n 
1 2 OFC n 
1 3 0DG n 
1 4 0DT n 
1 5 0DA n 
1 6 0DC n 
1 7 0DG n 
1 8 0DC n 
# 
_pdbx_entity_src_syn.entity_id              1 
_pdbx_entity_src_syn.pdbx_src_id            1 
_pdbx_entity_src_syn.pdbx_alt_source_flag   sample 
_pdbx_entity_src_syn.pdbx_beg_seq_num       ? 
_pdbx_entity_src_syn.pdbx_end_seq_num       ? 
_pdbx_entity_src_syn.organism_scientific    'synthetic construct' 
_pdbx_entity_src_syn.organism_common_name   ? 
_pdbx_entity_src_syn.ncbi_taxonomy_id       32630 
_pdbx_entity_src_syn.details                ? 
# 
_struct_ref.id                         1 
_struct_ref.db_name                    PDB 
_struct_ref.db_code                    7MOO 
_struct_ref.pdbx_db_accession          7MOO 
_struct_ref.pdbx_db_isoform            ? 
_struct_ref.entity_id                  1 
_struct_ref.pdbx_seq_one_letter_code   ? 
_struct_ref.pdbx_align_begin           1 
# 
loop_
_struct_ref_seq.align_id 
_struct_ref_seq.ref_id 
_struct_ref_seq.pdbx_PDB_id_code 
_struct_ref_seq.pdbx_strand_id 
_struct_ref_seq.seq_align_beg 
_struct_ref_seq.pdbx_seq_align_beg_ins_code 
_struct_ref_seq.seq_align_end 
_struct_ref_seq.pdbx_seq_align_end_ins_code 
_struct_ref_seq.pdbx_db_accession 
_struct_ref_seq.db_align_beg 
_struct_ref_seq.pdbx_db_align_beg_ins_code 
_struct_ref_seq.db_align_end 
_struct_ref_seq.pdbx_db_align_end_ins_code 
_struct_ref_seq.pdbx_auth_seq_align_beg 
_struct_ref_seq.pdbx_auth_seq_align_end 
1 1 7MOO A 1 ? 8 ? 7MOO 1 ? 8 ? 1 8 
2 1 7MOO B 1 ? 8 ? 7MOO 1 ? 8 ? 1 8 
# 
loop_
_chem_comp.id 
_chem_comp.type 
_chem_comp.mon_nstd_flag 
_chem_comp.name 
_chem_comp.pdbx_synonyms 
_chem_comp.formula 
_chem_comp.formula_weight 
0DA 'L-DNA linking' . 
;2'-DEOXY-L-RIBO-FURANOSYL ADENOSINE-5'-MONOPHOSPHATE
;
? 'C10 H14 N5 O6 P'  331.222 
0DC 'L-DNA linking' . 
;2'-DEOXY-L-RIBO-FURANOSYL CYTOSINE-5'-MONOPHOSPHATE
;
? 'C9 H14 N3 O7 P'   307.197 
0DG 'L-DNA linking' . 
;2'-DEOXY-L-RIBO-FURANOSYL GUANINE-5'-MONOPHOSPHATE
;
? 'C10 H14 N5 O7 P'  347.221 
0DT 'L-DNA linking' . 
;2'-DEOXY-L-RIBO-FURANOSYL THYMIDINE-5'-MONOPHOSPHATE
;
? 'C10 H15 N2 O8 P'  322.208 
HOH non-polymer     . WATER                                                                                ? 'H2 O'             
18.015  
OFC 'L-DNA linking' . '4-amino-1-(2-deoxy-2-fluoro-5-O-phosphono-beta-L-ribofuranosyl)pyrimidin-2(1H)-one' ? 'C9 H13 F N3 O7 P' 
325.188 
# 
_exptl.absorpt_coefficient_mu     ? 
_exptl.absorpt_correction_T_max   ? 
_exptl.absorpt_correction_T_min   ? 
_exptl.absorpt_correction_type    ? 
_exptl.absorpt_process_details    ? 
_exptl.entry_id                   7MOO 
_exptl.crystals_number            1 
_exptl.details                    ? 
_exptl.method                     'X-RAY DIFFRACTION' 
_exptl.method_details             ? 
# 
_exptl_crystal.colour                      ? 
_exptl_crystal.density_diffrn              ? 
_exptl_crystal.density_Matthews            2.34 
_exptl_crystal.density_method              ? 
_exptl_crystal.density_percent_sol         47.43 
_exptl_crystal.description                 ? 
_exptl_crystal.F_000                       ? 
_exptl_crystal.id                          1 
_exptl_crystal.preparation                 ? 
_exptl_crystal.size_max                    ? 
_exptl_crystal.size_mid                    ? 
_exptl_crystal.size_min                    ? 
_exptl_crystal.size_rad                    ? 
_exptl_crystal.colour_lustre               ? 
_exptl_crystal.colour_modifier             ? 
_exptl_crystal.colour_primary              ? 
_exptl_crystal.density_meas                ? 
_exptl_crystal.density_meas_esd            ? 
_exptl_crystal.density_meas_gt             ? 
_exptl_crystal.density_meas_lt             ? 
_exptl_crystal.density_meas_temp           ? 
_exptl_crystal.density_meas_temp_esd       ? 
_exptl_crystal.density_meas_temp_gt        ? 
_exptl_crystal.density_meas_temp_lt        ? 
_exptl_crystal.pdbx_crystal_image_url      ? 
_exptl_crystal.pdbx_crystal_image_format   ? 
_exptl_crystal.pdbx_mosaicity              ? 
_exptl_crystal.pdbx_mosaicity_esd          ? 
# 
_exptl_crystal_grow.apparatus       ? 
_exptl_crystal_grow.atmosphere      ? 
_exptl_crystal_grow.crystal_id      1 
_exptl_crystal_grow.details         ? 
_exptl_crystal_grow.method          'VAPOR DIFFUSION' 
_exptl_crystal_grow.method_ref      ? 
_exptl_crystal_grow.pH              5.6 
_exptl_crystal_grow.pressure        ? 
_exptl_crystal_grow.pressure_esd    ? 
_exptl_crystal_grow.seeding         ? 
_exptl_crystal_grow.seeding_ref     ? 
_exptl_crystal_grow.temp            291 
_exptl_crystal_grow.temp_details    ? 
_exptl_crystal_grow.temp_esd        ? 
_exptl_crystal_grow.time            ? 
_exptl_crystal_grow.pdbx_details    
'0.01 M Magnesium chloride hexahydrate, 0.05 M MES monohydrate pH 5.6, 1.8 M Lithium sulfate monohydrate' 
_exptl_crystal_grow.pdbx_pH_range   ? 
# 
_diffrn.ambient_environment              ? 
_diffrn.ambient_temp                     99 
_diffrn.ambient_temp_details             ? 
_diffrn.ambient_temp_esd                 ? 
_diffrn.crystal_id                       1 
_diffrn.crystal_support                  ? 
_diffrn.crystal_treatment                ? 
_diffrn.details                          ? 
_diffrn.id                               1 
_diffrn.ambient_pressure                 ? 
_diffrn.ambient_pressure_esd             ? 
_diffrn.ambient_pressure_gt              ? 
_diffrn.ambient_pressure_lt              ? 
_diffrn.ambient_temp_gt                  ? 
_diffrn.ambient_temp_lt                  ? 
_diffrn.pdbx_serial_crystal_experiment   N 
# 
_diffrn_detector.details                      ? 
_diffrn_detector.detector                     CCD 
_diffrn_detector.diffrn_id                    1 
_diffrn_detector.type                         'MAR CCD 130 mm' 
_diffrn_detector.area_resol_mean              ? 
_diffrn_detector.dtime                        ? 
_diffrn_detector.pdbx_frames_total            ? 
_diffrn_detector.pdbx_collection_time_total   ? 
_diffrn_detector.pdbx_collection_date         2021-03-14 
_diffrn_detector.pdbx_frequency               ? 
# 
_diffrn_radiation.collimation                      ? 
_diffrn_radiation.diffrn_id                        1 
_diffrn_radiation.filter_edge                      ? 
_diffrn_radiation.inhomogeneity                    ? 
_diffrn_radiation.monochromator                    ? 
_diffrn_radiation.polarisn_norm                    ? 
_diffrn_radiation.polarisn_ratio                   ? 
_diffrn_radiation.probe                            ? 
_diffrn_radiation.type                             ? 
_diffrn_radiation.xray_symbol                      ? 
_diffrn_radiation.wavelength_id                    1 
_diffrn_radiation.pdbx_monochromatic_or_laue_m_l   M 
_diffrn_radiation.pdbx_wavelength_list             ? 
_diffrn_radiation.pdbx_wavelength                  ? 
_diffrn_radiation.pdbx_diffrn_protocol             'SINGLE WAVELENGTH' 
_diffrn_radiation.pdbx_analyzer                    ? 
_diffrn_radiation.pdbx_scattering_type             x-ray 
# 
_diffrn_radiation_wavelength.id           1 
_diffrn_radiation_wavelength.wavelength   0.987 
_diffrn_radiation_wavelength.wt           1.0 
# 
_diffrn_source.current                     ? 
_diffrn_source.details                     ? 
_diffrn_source.diffrn_id                   1 
_diffrn_source.power                       ? 
_diffrn_source.size                        ? 
_diffrn_source.source                      SYNCHROTRON 
_diffrn_source.target                      ? 
_diffrn_source.type                        'APS BEAMLINE 21-ID-F' 
_diffrn_source.voltage                     ? 
_diffrn_source.take-off_angle              ? 
_diffrn_source.pdbx_wavelength_list        0.987 
_diffrn_source.pdbx_wavelength             ? 
_diffrn_source.pdbx_synchrotron_beamline   21-ID-F 
_diffrn_source.pdbx_synchrotron_site       APS 
# 
_reflns.B_iso_Wilson_estimate                          ? 
_reflns.entry_id                                       7MOO 
_reflns.data_reduction_details                         ? 
_reflns.data_reduction_method                          ? 
_reflns.d_resolution_high                              1.35 
_reflns.d_resolution_low                               21.92 
_reflns.details                                        ? 
_reflns.limit_h_max                                    ? 
_reflns.limit_h_min                                    ? 
_reflns.limit_k_max                                    ? 
_reflns.limit_k_min                                    ? 
_reflns.limit_l_max                                    ? 
_reflns.limit_l_min                                    ? 
_reflns.number_all                                     ? 
_reflns.number_obs                                     9914 
_reflns.observed_criterion                             ? 
_reflns.observed_criterion_F_max                       ? 
_reflns.observed_criterion_F_min                       ? 
_reflns.observed_criterion_I_max                       ? 
_reflns.observed_criterion_I_min                       ? 
_reflns.observed_criterion_sigma_F                     ? 
_reflns.observed_criterion_sigma_I                     ? 
_reflns.percent_possible_obs                           99.2 
_reflns.R_free_details                                 ? 
_reflns.Rmerge_F_all                                   ? 
_reflns.Rmerge_F_obs                                   ? 
_reflns.Friedel_coverage                               ? 
_reflns.number_gt                                      ? 
_reflns.threshold_expression                           ? 
_reflns.pdbx_redundancy                                19.8 
_reflns.pdbx_Rmerge_I_obs                              0.083 
_reflns.pdbx_Rmerge_I_all                              ? 
_reflns.pdbx_Rsym_value                                ? 
_reflns.pdbx_netI_over_av_sigmaI                       ? 
_reflns.pdbx_netI_over_sigmaI                          20.4 
_reflns.pdbx_res_netI_over_av_sigmaI_2                 ? 
_reflns.pdbx_res_netI_over_sigmaI_2                    ? 
_reflns.pdbx_chi_squared                               1.01 
_reflns.pdbx_scaling_rejects                           ? 
_reflns.pdbx_d_res_high_opt                            ? 
_reflns.pdbx_d_res_low_opt                             ? 
_reflns.pdbx_d_res_opt_method                          ? 
_reflns.phase_calculation_details                      ? 
_reflns.pdbx_Rrim_I_all                                0.085 
_reflns.pdbx_Rpim_I_all                                0.018 
_reflns.pdbx_d_opt                                     ? 
_reflns.pdbx_number_measured_all                       ? 
_reflns.pdbx_diffrn_id                                 1 
_reflns.pdbx_ordinal                                   1 
_reflns.pdbx_CC_half                                   ? 
_reflns.pdbx_CC_star                                   ? 
_reflns.pdbx_R_split                                   ? 
_reflns.pdbx_aniso_diffraction_limit_axis_1_ortho[1]   ? 
_reflns.pdbx_aniso_diffraction_limit_axis_1_ortho[2]   ? 
_reflns.pdbx_aniso_diffraction_limit_axis_1_ortho[3]   ? 
_reflns.pdbx_aniso_diffraction_limit_axis_2_ortho[1]   ? 
_reflns.pdbx_aniso_diffraction_limit_axis_2_ortho[2]   ? 
_reflns.pdbx_aniso_diffraction_limit_axis_2_ortho[3]   ? 
_reflns.pdbx_aniso_diffraction_limit_axis_3_ortho[1]   ? 
_reflns.pdbx_aniso_diffraction_limit_axis_3_ortho[2]   ? 
_reflns.pdbx_aniso_diffraction_limit_axis_3_ortho[3]   ? 
_reflns.pdbx_aniso_diffraction_limit_1                 ? 
_reflns.pdbx_aniso_diffraction_limit_2                 ? 
_reflns.pdbx_aniso_diffraction_limit_3                 ? 
_reflns.pdbx_aniso_B_tensor_eigenvector_1_ortho[1]     ? 
_reflns.pdbx_aniso_B_tensor_eigenvector_1_ortho[2]     ? 
_reflns.pdbx_aniso_B_tensor_eigenvector_1_ortho[3]     ? 
_reflns.pdbx_aniso_B_tensor_eigenvector_2_ortho[1]     ? 
_reflns.pdbx_aniso_B_tensor_eigenvector_2_ortho[2]     ? 
_reflns.pdbx_aniso_B_tensor_eigenvector_2_ortho[3]     ? 
_reflns.pdbx_aniso_B_tensor_eigenvector_3_ortho[1]     ? 
_reflns.pdbx_aniso_B_tensor_eigenvector_3_ortho[2]     ? 
_reflns.pdbx_aniso_B_tensor_eigenvector_3_ortho[3]     ? 
_reflns.pdbx_aniso_B_tensor_eigenvalue_1               ? 
_reflns.pdbx_aniso_B_tensor_eigenvalue_2               ? 
_reflns.pdbx_aniso_B_tensor_eigenvalue_3               ? 
_reflns.pdbx_orthogonalization_convention              ? 
_reflns.pdbx_percent_possible_ellipsoidal              ? 
_reflns.pdbx_percent_possible_spherical                ? 
_reflns.pdbx_percent_possible_ellipsoidal_anomalous    ? 
_reflns.pdbx_percent_possible_spherical_anomalous      ? 
_reflns.pdbx_redundancy_anomalous                      ? 
_reflns.pdbx_CC_half_anomalous                         ? 
_reflns.pdbx_absDiff_over_sigma_anomalous              ? 
_reflns.pdbx_percent_possible_anomalous                ? 
_reflns.pdbx_observed_signal_threshold                 ? 
_reflns.pdbx_signal_type                               ? 
_reflns.pdbx_signal_details                            ? 
_reflns.pdbx_signal_software_id                        ? 
# 
_reflns_shell.d_res_high                                    1.35 
_reflns_shell.d_res_low                                     1.39 
_reflns_shell.meanI_over_sigI_all                           ? 
_reflns_shell.meanI_over_sigI_obs                           2.2 
_reflns_shell.number_measured_all                           ? 
_reflns_shell.number_measured_obs                           ? 
_reflns_shell.number_possible                               ? 
_reflns_shell.number_unique_all                             ? 
_reflns_shell.number_unique_obs                             718 
_reflns_shell.percent_possible_all                          97.5 
_reflns_shell.percent_possible_obs                          ? 
_reflns_shell.Rmerge_F_all                                  ? 
_reflns_shell.Rmerge_F_obs                                  ? 
_reflns_shell.Rmerge_I_all                                  ? 
_reflns_shell.Rmerge_I_obs                                  1.645 
_reflns_shell.meanI_over_sigI_gt                            ? 
_reflns_shell.meanI_over_uI_all                             ? 
_reflns_shell.meanI_over_uI_gt                              ? 
_reflns_shell.number_measured_gt                            ? 
_reflns_shell.number_unique_gt                              ? 
_reflns_shell.percent_possible_gt                           ? 
_reflns_shell.Rmerge_F_gt                                   ? 
_reflns_shell.Rmerge_I_gt                                   ? 
_reflns_shell.pdbx_redundancy                               ? 
_reflns_shell.pdbx_Rsym_value                               ? 
_reflns_shell.pdbx_chi_squared                              0.96 
_reflns_shell.pdbx_netI_over_sigmaI_all                     ? 
_reflns_shell.pdbx_netI_over_sigmaI_obs                     ? 
_reflns_shell.pdbx_Rrim_I_all                               ? 
_reflns_shell.pdbx_Rpim_I_all                               0.371 
_reflns_shell.pdbx_rejects                                  ? 
_reflns_shell.pdbx_ordinal                                  1 
_reflns_shell.pdbx_diffrn_id                                1 
_reflns_shell.pdbx_CC_half                                  ? 
_reflns_shell.pdbx_CC_star                                  ? 
_reflns_shell.pdbx_R_split                                  ? 
_reflns_shell.pdbx_percent_possible_ellipsoidal             ? 
_reflns_shell.pdbx_percent_possible_spherical               ? 
_reflns_shell.pdbx_percent_possible_ellipsoidal_anomalous   ? 
_reflns_shell.pdbx_percent_possible_spherical_anomalous     ? 
_reflns_shell.pdbx_redundancy_anomalous                     ? 
_reflns_shell.pdbx_CC_half_anomalous                        ? 
_reflns_shell.pdbx_absDiff_over_sigma_anomalous             ? 
_reflns_shell.pdbx_percent_possible_anomalous               ? 
# 
_refine.aniso_B[1][1]                            -0.00 
_refine.aniso_B[1][2]                            -0.00 
_refine.aniso_B[1][3]                            -0.00 
_refine.aniso_B[2][2]                            -0.00 
_refine.aniso_B[2][3]                            0.00 
_refine.aniso_B[3][3]                            0.00 
_refine.B_iso_max                                ? 
_refine.B_iso_mean                               22.396 
_refine.B_iso_min                                ? 
_refine.correlation_coeff_Fo_to_Fc               0.969 
_refine.correlation_coeff_Fo_to_Fc_free          0.959 
_refine.details                                  'HYDROGENS HAVE BEEN ADDED IN THE RIDING POSITIONS' 
_refine.diff_density_max                         ? 
_refine.diff_density_max_esd                     ? 
_refine.diff_density_min                         ? 
_refine.diff_density_min_esd                     ? 
_refine.diff_density_rms                         ? 
_refine.diff_density_rms_esd                     ? 
_refine.entry_id                                 7MOO 
_refine.pdbx_refine_id                           'X-RAY DIFFRACTION' 
_refine.ls_abs_structure_details                 ? 
_refine.ls_abs_structure_Flack                   ? 
_refine.ls_abs_structure_Flack_esd               ? 
_refine.ls_abs_structure_Rogers                  ? 
_refine.ls_abs_structure_Rogers_esd              ? 
_refine.ls_d_res_high                            1.35 
_refine.ls_d_res_low                             21.93 
_refine.ls_extinction_coef                       ? 
_refine.ls_extinction_coef_esd                   ? 
_refine.ls_extinction_expression                 ? 
_refine.ls_extinction_method                     ? 
_refine.ls_goodness_of_fit_all                   ? 
_refine.ls_goodness_of_fit_all_esd               ? 
_refine.ls_goodness_of_fit_obs                   ? 
_refine.ls_goodness_of_fit_obs_esd               ? 
_refine.ls_hydrogen_treatment                    ? 
_refine.ls_matrix_type                           ? 
_refine.ls_number_constraints                    ? 
_refine.ls_number_parameters                     ? 
_refine.ls_number_reflns_all                     ? 
_refine.ls_number_reflns_obs                     9441 
_refine.ls_number_reflns_R_free                  458 
_refine.ls_number_reflns_R_work                  ? 
_refine.ls_number_restraints                     ? 
_refine.ls_percent_reflns_obs                    99.19 
_refine.ls_percent_reflns_R_free                 4.6 
_refine.ls_R_factor_all                          ? 
_refine.ls_R_factor_obs                          0.18608 
_refine.ls_R_factor_R_free                       0.22669 
_refine.ls_R_factor_R_free_error                 ? 
_refine.ls_R_factor_R_free_error_details         ? 
_refine.ls_R_factor_R_work                       0.18434 
_refine.ls_R_Fsqd_factor_obs                     ? 
_refine.ls_R_I_factor_obs                        ? 
_refine.ls_redundancy_reflns_all                 ? 
_refine.ls_redundancy_reflns_obs                 ? 
_refine.ls_restrained_S_all                      ? 
_refine.ls_restrained_S_obs                      ? 
_refine.ls_shift_over_esd_max                    ? 
_refine.ls_shift_over_esd_mean                   ? 
_refine.ls_structure_factor_coef                 ? 
_refine.ls_weighting_details                     ? 
_refine.ls_weighting_scheme                      ? 
_refine.ls_wR_factor_all                         ? 
_refine.ls_wR_factor_obs                         ? 
_refine.ls_wR_factor_R_free                      ? 
_refine.ls_wR_factor_R_work                      ? 
_refine.occupancy_max                            ? 
_refine.occupancy_min                            ? 
_refine.solvent_model_details                    MASK 
_refine.solvent_model_param_bsol                 ? 
_refine.solvent_model_param_ksol                 ? 
_refine.pdbx_R_complete                          ? 
_refine.ls_R_factor_gt                           ? 
_refine.ls_goodness_of_fit_gt                    ? 
_refine.ls_goodness_of_fit_ref                   ? 
_refine.ls_shift_over_su_max                     ? 
_refine.ls_shift_over_su_max_lt                  ? 
_refine.ls_shift_over_su_mean                    ? 
_refine.ls_shift_over_su_mean_lt                 ? 
_refine.pdbx_ls_sigma_I                          ? 
_refine.pdbx_ls_sigma_F                          ? 
_refine.pdbx_ls_sigma_Fsqd                       ? 
_refine.pdbx_data_cutoff_high_absF               ? 
_refine.pdbx_data_cutoff_high_rms_absF           ? 
_refine.pdbx_data_cutoff_low_absF                ? 
_refine.pdbx_isotropic_thermal_model             ? 
_refine.pdbx_ls_cross_valid_method               THROUGHOUT 
_refine.pdbx_method_to_determine_struct          'MOLECULAR REPLACEMENT' 
_refine.pdbx_starting_model                      7KW4 
_refine.pdbx_stereochemistry_target_values       'MAXIMUM LIKELIHOOD' 
_refine.pdbx_R_Free_selection_details            RANDOM 
_refine.pdbx_stereochem_target_val_spec_case     ? 
_refine.pdbx_overall_ESU_R                       0.054 
_refine.pdbx_overall_ESU_R_Free                  0.061 
_refine.pdbx_solvent_vdw_probe_radii             1.20 
_refine.pdbx_solvent_ion_probe_radii             0.80 
_refine.pdbx_solvent_shrinkage_radii             0.80 
_refine.pdbx_real_space_R                        ? 
_refine.pdbx_density_correlation                 ? 
_refine.pdbx_pd_number_of_powder_patterns        ? 
_refine.pdbx_pd_number_of_points                 ? 
_refine.pdbx_pd_meas_number_of_points            ? 
_refine.pdbx_pd_proc_ls_prof_R_factor            ? 
_refine.pdbx_pd_proc_ls_prof_wR_factor           ? 
_refine.pdbx_pd_Marquardt_correlation_coeff      ? 
_refine.pdbx_pd_Fsqrd_R_factor                   ? 
_refine.pdbx_pd_ls_matrix_band_width             ? 
_refine.pdbx_overall_phase_error                 ? 
_refine.pdbx_overall_SU_R_free_Cruickshank_DPI   ? 
_refine.pdbx_overall_SU_R_free_Blow_DPI          ? 
_refine.pdbx_overall_SU_R_Blow_DPI               ? 
_refine.pdbx_TLS_residual_ADP_flag               ? 
_refine.pdbx_diffrn_id                           1 
_refine.overall_SU_B                             0.979 
_refine.overall_SU_ML                            0.040 
_refine.overall_SU_R_Cruickshank_DPI             ? 
_refine.overall_SU_R_free                        ? 
_refine.overall_FOM_free_R_set                   ? 
_refine.overall_FOM_work_R_set                   ? 
_refine.pdbx_average_fsc_overall                 ? 
_refine.pdbx_average_fsc_work                    ? 
_refine.pdbx_average_fsc_free                    ? 
# 
_refine_hist.pdbx_refine_id                   'X-RAY DIFFRACTION' 
_refine_hist.cycle_id                         1 
_refine_hist.details                          ? 
_refine_hist.d_res_high                       1.35 
_refine_hist.d_res_low                        21.93 
_refine_hist.number_atoms_solvent             35 
_refine_hist.number_atoms_total               359 
_refine_hist.number_reflns_all                ? 
_refine_hist.number_reflns_obs                ? 
_refine_hist.number_reflns_R_free             ? 
_refine_hist.number_reflns_R_work             ? 
_refine_hist.R_factor_all                     ? 
_refine_hist.R_factor_obs                     ? 
_refine_hist.R_factor_R_free                  ? 
_refine_hist.R_factor_R_work                  ? 
_refine_hist.pdbx_number_residues_total       ? 
_refine_hist.pdbx_B_iso_mean_ligand           ? 
_refine_hist.pdbx_B_iso_mean_solvent          ? 
_refine_hist.pdbx_number_atoms_protein        0 
_refine_hist.pdbx_number_atoms_nucleic_acid   324 
_refine_hist.pdbx_number_atoms_ligand         0 
_refine_hist.pdbx_number_atoms_lipid          ? 
_refine_hist.pdbx_number_atoms_carb           ? 
_refine_hist.pdbx_pseudo_atom_details         ? 
# 
loop_
_refine_ls_restr.pdbx_refine_id 
_refine_ls_restr.criterion 
_refine_ls_restr.dev_ideal 
_refine_ls_restr.dev_ideal_target 
_refine_ls_restr.number 
_refine_ls_restr.rejects 
_refine_ls_restr.type 
_refine_ls_restr.weight 
_refine_ls_restr.pdbx_restraint_function 
'X-RAY DIFFRACTION' ? 0.033 0.026  362 ? r_bond_refined_d             ? ? 
'X-RAY DIFFRACTION' ? 0.046 0.030  202 ? r_bond_other_d               ? ? 
'X-RAY DIFFRACTION' ? 3.396 2.924  556 ? r_angle_refined_deg          ? ? 
'X-RAY DIFFRACTION' ? 2.077 3.507  468 ? r_angle_other_deg            ? ? 
'X-RAY DIFFRACTION' ? ?     ?      ?   ? r_dihedral_angle_1_deg       ? ? 
'X-RAY DIFFRACTION' ? ?     ?      ?   ? r_dihedral_angle_2_deg       ? ? 
'X-RAY DIFFRACTION' ? ?     ?      ?   ? r_dihedral_angle_3_deg       ? ? 
'X-RAY DIFFRACTION' ? ?     ?      ?   ? r_dihedral_angle_4_deg       ? ? 
'X-RAY DIFFRACTION' ? 0.146 0.200  62  ? r_chiral_restr               ? ? 
'X-RAY DIFFRACTION' ? 0.023 0.021  184 ? r_gen_planes_refined         ? ? 
'X-RAY DIFFRACTION' ? 0.001 0.023  54  ? r_gen_planes_other           ? ? 
'X-RAY DIFFRACTION' ? ?     ?      ?   ? r_nbd_refined                ? ? 
'X-RAY DIFFRACTION' ? ?     ?      ?   ? r_nbd_other                  ? ? 
'X-RAY DIFFRACTION' ? ?     ?      ?   ? r_nbtor_refined              ? ? 
'X-RAY DIFFRACTION' ? ?     ?      ?   ? r_nbtor_other                ? ? 
'X-RAY DIFFRACTION' ? ?     ?      ?   ? r_xyhbond_nbd_refined        ? ? 
'X-RAY DIFFRACTION' ? ?     ?      ?   ? r_xyhbond_nbd_other          ? ? 
'X-RAY DIFFRACTION' ? ?     ?      ?   ? r_metal_ion_refined          ? ? 
'X-RAY DIFFRACTION' ? ?     ?      ?   ? r_metal_ion_other            ? ? 
'X-RAY DIFFRACTION' ? ?     ?      ?   ? r_symmetry_vdw_refined       ? ? 
'X-RAY DIFFRACTION' ? ?     ?      ?   ? r_symmetry_vdw_other         ? ? 
'X-RAY DIFFRACTION' ? ?     ?      ?   ? r_symmetry_hbond_refined     ? ? 
'X-RAY DIFFRACTION' ? ?     ?      ?   ? r_symmetry_hbond_other       ? ? 
'X-RAY DIFFRACTION' ? ?     ?      ?   ? r_symmetry_metal_ion_refined ? ? 
'X-RAY DIFFRACTION' ? ?     ?      ?   ? r_symmetry_metal_ion_other   ? ? 
'X-RAY DIFFRACTION' ? ?     ?      ?   ? r_mcbond_it                  ? ? 
'X-RAY DIFFRACTION' ? ?     ?      ?   ? r_mcbond_other               ? ? 
'X-RAY DIFFRACTION' ? ?     ?      ?   ? r_mcangle_it                 ? ? 
'X-RAY DIFFRACTION' ? ?     ?      ?   ? r_mcangle_other              ? ? 
'X-RAY DIFFRACTION' ? 1.672 2.156  362 ? r_scbond_it                  ? ? 
'X-RAY DIFFRACTION' ? 1.670 2.156  363 ? r_scbond_other               ? ? 
'X-RAY DIFFRACTION' ? ?     ?      ?   ? r_scangle_it                 ? ? 
'X-RAY DIFFRACTION' ? 2.504 3.259  557 ? r_scangle_other              ? ? 
'X-RAY DIFFRACTION' ? 3.333 19.138 492 ? r_long_range_B_refined       ? ? 
'X-RAY DIFFRACTION' ? 3.280 18.684 486 ? r_long_range_B_other         ? ? 
'X-RAY DIFFRACTION' ? ?     ?      ?   ? r_rigid_bond_restr           ? ? 
'X-RAY DIFFRACTION' ? ?     ?      ?   ? r_sphericity_free            ? ? 
'X-RAY DIFFRACTION' ? ?     ?      ?   ? r_sphericity_bonded          ? ? 
# 
_refine_ls_shell.pdbx_refine_id                   'X-RAY DIFFRACTION' 
_refine_ls_shell.d_res_high                       1.350 
_refine_ls_shell.d_res_low                        1.385 
_refine_ls_shell.number_reflns_all                ? 
_refine_ls_shell.number_reflns_obs                ? 
_refine_ls_shell.number_reflns_R_free             32 
_refine_ls_shell.number_reflns_R_work             686 
_refine_ls_shell.percent_reflns_obs               97.42 
_refine_ls_shell.percent_reflns_R_free            ? 
_refine_ls_shell.R_factor_all                     ? 
_refine_ls_shell.R_factor_obs                     ? 
_refine_ls_shell.R_factor_R_free                  0.339 
_refine_ls_shell.R_factor_R_free_error            ? 
_refine_ls_shell.R_factor_R_work                  0.293 
_refine_ls_shell.redundancy_reflns_all            ? 
_refine_ls_shell.redundancy_reflns_obs            ? 
_refine_ls_shell.wR_factor_all                    ? 
_refine_ls_shell.wR_factor_obs                    ? 
_refine_ls_shell.wR_factor_R_free                 ? 
_refine_ls_shell.wR_factor_R_work                 ? 
_refine_ls_shell.pdbx_R_complete                  ? 
_refine_ls_shell.pdbx_total_number_of_bins_used   20 
_refine_ls_shell.pdbx_phase_error                 ? 
_refine_ls_shell.pdbx_fsc_work                    ? 
_refine_ls_shell.pdbx_fsc_free                    ? 
# 
_struct.entry_id                     7MOO 
_struct.title                        
;L-type DNA containing 2'-fluoro-2'-deoxycytidine
;
_struct.pdbx_model_details           ? 
_struct.pdbx_formula_weight          ? 
_struct.pdbx_formula_weight_method   ? 
_struct.pdbx_model_type_details      ? 
_struct.pdbx_CASP_flag               N 
# 
_struct_keywords.entry_id        7MOO 
_struct_keywords.text            'L-DNA, fluoro modification, DNA' 
_struct_keywords.pdbx_keywords   DNA 
# 
loop_
_struct_asym.id 
_struct_asym.pdbx_blank_PDB_chainid_flag 
_struct_asym.pdbx_modified 
_struct_asym.entity_id 
_struct_asym.details 
A N N 1 ? 
B N N 1 ? 
C N N 2 ? 
D N N 2 ? 
# 
loop_
_struct_conn.id 
_struct_conn.conn_type_id 
_struct_conn.pdbx_leaving_atom_flag 
_struct_conn.pdbx_PDB_id 
_struct_conn.ptnr1_label_asym_id 
_struct_conn.ptnr1_label_comp_id 
_struct_conn.ptnr1_label_seq_id 
_struct_conn.ptnr1_label_atom_id 
_struct_conn.pdbx_ptnr1_label_alt_id 
_struct_conn.pdbx_ptnr1_PDB_ins_code 
_struct_conn.pdbx_ptnr1_standard_comp_id 
_struct_conn.ptnr1_symmetry 
_struct_conn.ptnr2_label_asym_id 
_struct_conn.ptnr2_label_comp_id 
_struct_conn.ptnr2_label_seq_id 
_struct_conn.ptnr2_label_atom_id 
_struct_conn.pdbx_ptnr2_label_alt_id 
_struct_conn.pdbx_ptnr2_PDB_ins_code 
_struct_conn.ptnr1_auth_asym_id 
_struct_conn.ptnr1_auth_comp_id 
_struct_conn.ptnr1_auth_seq_id 
_struct_conn.ptnr2_auth_asym_id 
_struct_conn.ptnr2_auth_comp_id 
_struct_conn.ptnr2_auth_seq_id 
_struct_conn.ptnr2_symmetry 
_struct_conn.pdbx_ptnr3_label_atom_id 
_struct_conn.pdbx_ptnr3_label_seq_id 
_struct_conn.pdbx_ptnr3_label_comp_id 
_struct_conn.pdbx_ptnr3_label_asym_id 
_struct_conn.pdbx_ptnr3_label_alt_id 
_struct_conn.pdbx_ptnr3_PDB_ins_code 
_struct_conn.details 
_struct_conn.pdbx_dist_value 
_struct_conn.pdbx_value_order 
_struct_conn.pdbx_role 
covale1  covale both ? A 0DG 1 "O3'" ? ? ? 1_555 A OFC 2 P  ? ? A 0DG 1 A OFC 2 1_555 ? ? ? ? ? ? ?            1.593 ? ? 
covale2  covale both ? A OFC 2 "O3'" ? ? ? 1_555 A 0DG 3 P  ? ? A OFC 2 A 0DG 3 1_555 ? ? ? ? ? ? ?            1.641 ? ? 
covale3  covale both ? A 0DG 3 "O3'" ? ? ? 1_555 A 0DT 4 P  ? ? A 0DG 3 A 0DT 4 1_555 ? ? ? ? ? ? ?            1.607 ? ? 
covale4  covale both ? A 0DT 4 "O3'" ? ? ? 1_555 A 0DA 5 P  ? ? A 0DT 4 A 0DA 5 1_555 ? ? ? ? ? ? ?            1.602 ? ? 
covale5  covale both ? A 0DA 5 "O3'" ? ? ? 1_555 A 0DC 6 P  ? ? A 0DA 5 A 0DC 6 1_555 ? ? ? ? ? ? ?            1.580 ? ? 
covale6  covale both ? A 0DC 6 "O3'" ? ? ? 1_555 A 0DG 7 P  ? ? A 0DC 6 A 0DG 7 1_555 ? ? ? ? ? ? ?            1.615 ? ? 
covale7  covale both ? A 0DG 7 "O3'" ? ? ? 1_555 A 0DC 8 P  ? ? A 0DG 7 A 0DC 8 1_555 ? ? ? ? ? ? ?            1.637 ? ? 
covale8  covale both ? B 0DG 1 "O3'" ? ? ? 1_555 B OFC 2 P  ? ? B 0DG 1 B OFC 2 1_555 ? ? ? ? ? ? ?            1.604 ? ? 
covale9  covale both ? B OFC 2 "O3'" ? ? ? 1_555 B 0DG 3 P  ? ? B OFC 2 B 0DG 3 1_555 ? ? ? ? ? ? ?            1.631 ? ? 
covale10 covale both ? B 0DG 3 "O3'" ? ? ? 1_555 B 0DT 4 P  ? ? B 0DG 3 B 0DT 4 1_555 ? ? ? ? ? ? ?            1.604 ? ? 
covale11 covale both ? B 0DT 4 "O3'" ? ? ? 1_555 B 0DA 5 P  ? ? B 0DT 4 B 0DA 5 1_555 ? ? ? ? ? ? ?            1.641 ? ? 
covale12 covale both ? B 0DA 5 "O3'" ? ? ? 1_555 B 0DC 6 P  ? ? B 0DA 5 B 0DC 6 1_555 ? ? ? ? ? ? ?            1.642 ? ? 
covale13 covale both ? B 0DC 6 "O3'" ? ? ? 1_555 B 0DG 7 P  ? ? B 0DC 6 B 0DG 7 1_555 ? ? ? ? ? ? ?            1.621 ? ? 
covale14 covale both ? B 0DG 7 "O3'" ? ? ? 1_555 B 0DC 8 P  ? ? B 0DG 7 B 0DC 8 1_555 ? ? ? ? ? ? ?            1.635 ? ? 
hydrog1  hydrog ?    ? A 0DG 1 N1    ? ? ? 1_555 B 0DC 8 N3 ? ? A 0DG 1 B 0DC 8 1_555 ? ? ? ? ? ? WATSON-CRICK ?     ? ? 
hydrog2  hydrog ?    ? A 0DG 1 N2    ? ? ? 1_555 B 0DC 8 O2 ? ? A 0DG 1 B 0DC 8 1_555 ? ? ? ? ? ? WATSON-CRICK ?     ? ? 
hydrog3  hydrog ?    ? A 0DG 1 O6    ? ? ? 1_555 B 0DC 8 N4 ? ? A 0DG 1 B 0DC 8 1_555 ? ? ? ? ? ? WATSON-CRICK ?     ? ? 
hydrog4  hydrog ?    ? A 0DG 3 N1    ? ? ? 1_555 B 0DC 6 N3 ? ? A 0DG 3 B 0DC 6 1_555 ? ? ? ? ? ? WATSON-CRICK ?     ? ? 
hydrog5  hydrog ?    ? A 0DG 3 N2    ? ? ? 1_555 B 0DC 6 O2 ? ? A 0DG 3 B 0DC 6 1_555 ? ? ? ? ? ? WATSON-CRICK ?     ? ? 
hydrog6  hydrog ?    ? A 0DG 3 O6    ? ? ? 1_555 B 0DC 6 N4 ? ? A 0DG 3 B 0DC 6 1_555 ? ? ? ? ? ? WATSON-CRICK ?     ? ? 
hydrog7  hydrog ?    ? A 0DC 6 N3    ? ? ? 1_555 B 0DG 3 N1 ? ? A 0DC 6 B 0DG 3 1_555 ? ? ? ? ? ? WATSON-CRICK ?     ? ? 
hydrog8  hydrog ?    ? A 0DC 6 N4    ? ? ? 1_555 B 0DG 3 O6 ? ? A 0DC 6 B 0DG 3 1_555 ? ? ? ? ? ? WATSON-CRICK ?     ? ? 
hydrog9  hydrog ?    ? A 0DC 6 O2    ? ? ? 1_555 B 0DG 3 N2 ? ? A 0DC 6 B 0DG 3 1_555 ? ? ? ? ? ? WATSON-CRICK ?     ? ? 
hydrog10 hydrog ?    ? A 0DC 8 N3    ? ? ? 1_555 B 0DG 1 N1 ? ? A 0DC 8 B 0DG 1 1_555 ? ? ? ? ? ? WATSON-CRICK ?     ? ? 
hydrog11 hydrog ?    ? A 0DC 8 N4    ? ? ? 1_555 B 0DG 1 O6 ? ? A 0DC 8 B 0DG 1 1_555 ? ? ? ? ? ? WATSON-CRICK ?     ? ? 
hydrog12 hydrog ?    ? A 0DC 8 O2    ? ? ? 1_555 B 0DG 1 N2 ? ? A 0DC 8 B 0DG 1 1_555 ? ? ? ? ? ? WATSON-CRICK ?     ? ? 
# 
loop_
_struct_conn_type.id 
_struct_conn_type.criteria 
_struct_conn_type.reference 
covale ? ? 
hydrog ? ? 
# 
_atom_sites.entry_id                    7MOO 
_atom_sites.Cartn_transf_matrix[1][1]   ? 
_atom_sites.Cartn_transf_matrix[1][2]   ? 
_atom_sites.Cartn_transf_matrix[1][3]   ? 
_atom_sites.Cartn_transf_matrix[2][1]   ? 
_atom_sites.Cartn_transf_matrix[2][2]   ? 
_atom_sites.Cartn_transf_matrix[2][3]   ? 
_atom_sites.Cartn_transf_matrix[3][1]   ? 
_atom_sites.Cartn_transf_matrix[3][2]   ? 
_atom_sites.Cartn_transf_matrix[3][3]   ? 
_atom_sites.Cartn_transf_vector[1]      ? 
_atom_sites.Cartn_transf_vector[2]      ? 
_atom_sites.Cartn_transf_vector[3]      ? 
_atom_sites.fract_transf_matrix[1][1]   0.00044498 
_atom_sites.fract_transf_matrix[1][2]   -0.02343463 
_atom_sites.fract_transf_matrix[1][3]   0.01201410 
_atom_sites.fract_transf_matrix[2][1]   -0.01137941 
_atom_sites.fract_transf_matrix[2][2]   -0.02085096 
_atom_sites.fract_transf_matrix[2][3]   -0.01137935 
_atom_sites.fract_transf_matrix[3][1]   0.02086808 
_atom_sites.fract_transf_matrix[3][2]   -0.00531207 
_atom_sites.fract_transf_matrix[3][3]   -0.01113461 
_atom_sites.fract_transf_vector[1]      0.478597 
_atom_sites.fract_transf_vector[2]      1.435358 
_atom_sites.fract_transf_vector[3]      -0.008767 
_atom_sites.solution_primary            ? 
_atom_sites.solution_secondary          ? 
_atom_sites.solution_hydrogens          ? 
_atom_sites.special_details             ? 
# 
loop_
_atom_type.symbol 
C 
F 
N 
O 
P 
# 
loop_
_atom_site.group_PDB 
_atom_site.id 
_atom_site.type_symbol 
_atom_site.label_atom_id 
_atom_site.label_alt_id 
_atom_site.label_comp_id 
_atom_site.label_asym_id 
_atom_site.label_entity_id 
_atom_site.label_seq_id 
_atom_site.pdbx_PDB_ins_code 
_atom_site.Cartn_x 
_atom_site.Cartn_y 
_atom_site.Cartn_z 
_atom_site.occupancy 
_atom_site.B_iso_or_equiv 
_atom_site.pdbx_formal_charge 
_atom_site.auth_seq_id 
_atom_site.auth_comp_id 
_atom_site.auth_asym_id 
_atom_site.auth_atom_id 
_atom_site.pdbx_PDB_model_num 
HETATM 1   O "O5'" . 0DG A 1 1 ? -8.864  -5.947 10.958  1.00 36.34 ? 1   0DG A "O5'" 1 
HETATM 2   C "C5'" . 0DG A 1 1 ? -8.269  -5.152 9.891   1.00 30.17 ? 1   0DG A "C5'" 1 
HETATM 3   C "C4'" . 0DG A 1 1 ? -9.332  -4.145 9.289   1.00 28.53 ? 1   0DG A "C4'" 1 
HETATM 4   O "O4'" . 0DG A 1 1 ? -10.205 -4.989 8.552   1.00 29.61 ? 1   0DG A "O4'" 1 
HETATM 5   C "C3'" . 0DG A 1 1 ? -8.811  -3.131 8.328   1.00 25.55 ? 1   0DG A "C3'" 1 
HETATM 6   O "O3'" . 0DG A 1 1 ? -8.477  -1.918 9.021   1.00 25.01 ? 1   0DG A "O3'" 1 
HETATM 7   C "C2'" . 0DG A 1 1 ? -10.104 -2.869 7.536   1.00 24.75 ? 1   0DG A "C2'" 1 
HETATM 8   C "C1'" . 0DG A 1 1 ? -10.669 -4.240 7.352   1.00 27.35 ? 1   0DG A "C1'" 1 
HETATM 9   N N9    . 0DG A 1 1 ? -10.101 -4.965 6.189   1.00 26.77 ? 1   0DG A N9    1 
HETATM 10  C C8    . 0DG A 1 1 ? -9.387  -6.104 6.160   1.00 28.49 ? 1   0DG A C8    1 
HETATM 11  N N7    . 0DG A 1 1 ? -9.103  -6.437 4.900   1.00 29.18 ? 1   0DG A N7    1 
HETATM 12  C C5    . 0DG A 1 1 ? -9.665  -5.514 4.066   1.00 25.90 ? 1   0DG A C5    1 
HETATM 13  C C6    . 0DG A 1 1 ? -9.690  -5.361 2.726   1.00 25.06 ? 1   0DG A C6    1 
HETATM 14  O O6    . 0DG A 1 1 ? -9.160  -6.099 1.871   1.00 24.92 ? 1   0DG A O6    1 
HETATM 15  N N1    . 0DG A 1 1 ? -10.437 -4.267 2.262   1.00 22.58 ? 1   0DG A N1    1 
HETATM 16  C C2    . 0DG A 1 1 ? -11.027 -3.383 3.125   1.00 22.62 ? 1   0DG A C2    1 
HETATM 17  N N2    . 0DG A 1 1 ? -11.690 -2.367 2.589   1.00 22.80 ? 1   0DG A N2    1 
HETATM 18  N N3    . 0DG A 1 1 ? -10.999 -3.534 4.444   1.00 24.98 ? 1   0DG A N3    1 
HETATM 19  C C4    . 0DG A 1 1 ? -10.294 -4.627 4.899   1.00 23.72 ? 1   0DG A C4    1 
HETATM 20  N N1    . OFC A 1 2 ? -8.935  -0.642 3.413   1.00 20.03 ? 2   OFC A N1    1 
HETATM 21  C C2    . OFC A 1 2 ? -8.868  -0.695 2.058   1.00 18.86 ? 2   OFC A C2    1 
HETATM 22  O O2    . OFC A 1 2 ? -9.479  0.073  1.318   1.00 19.93 ? 2   OFC A O2    1 
HETATM 23  P P     . OFC A 1 2 ? -7.367  -0.907 8.489   1.00 26.95 ? 2   OFC A P     1 
HETATM 24  N N3    . OFC A 1 2 ? -8.122  -1.685 1.535   1.00 19.21 ? 2   OFC A N3    1 
HETATM 25  C C4    . OFC A 1 2 ? -7.459  -2.604 2.314   1.00 19.87 ? 2   OFC A C4    1 
HETATM 26  N N4    . OFC A 1 2 ? -6.736  -3.556 1.733   1.00 20.88 ? 2   OFC A N4    1 
HETATM 27  C C5    . OFC A 1 2 ? -7.498  -2.535 3.706   1.00 21.50 ? 2   OFC A C5    1 
HETATM 28  C C6    . OFC A 1 2 ? -8.271  -1.533 4.219   1.00 20.93 ? 2   OFC A C6    1 
HETATM 29  C "C1'" . OFC A 1 2 ? -9.819  0.419  3.927   1.00 21.28 ? 2   OFC A "C1'" 1 
HETATM 30  O "O4'" . OFC A 1 2 ? -10.070 0.087  5.325   1.00 22.56 ? 2   OFC A "O4'" 1 
HETATM 31  C "C2'" . OFC A 1 2 ? -9.284  1.753  3.816   1.00 22.25 ? 2   OFC A "C2'" 1 
HETATM 32  F "F2'" . OFC A 1 2 ? -10.377 2.642  3.722   1.00 24.87 ? 2   OFC A "F2'" 1 
HETATM 33  C "C3'" . OFC A 1 2 ? -8.608  1.833  5.169   1.00 25.30 ? 2   OFC A "C3'" 1 
HETATM 34  O "O3'" . OFC A 1 2 ? -8.434  3.209  5.473   1.00 26.09 ? 2   OFC A "O3'" 1 
HETATM 35  C "C4'" . OFC A 1 2 ? -9.667  1.215  6.061   1.00 25.03 ? 2   OFC A "C4'" 1 
HETATM 36  C "C5'" . OFC A 1 2 ? -9.210  0.817  7.455   1.00 26.22 ? 2   OFC A "C5'" 1 
HETATM 37  O "O5'" . OFC A 1 2 ? -8.104  -0.085 7.234   1.00 26.41 ? 2   OFC A "O5'" 1 
HETATM 38  O OP1   . OFC A 1 2 ? -6.267  -1.686 7.919   1.00 27.36 ? 2   OFC A OP1   1 
HETATM 39  O OP2   . OFC A 1 2 ? -7.231  0.180  9.523   1.00 31.36 ? 2   OFC A OP2   1 
HETATM 40  P P     . 0DG A 1 3 ? -7.085  4.027  5.023   1.00 27.52 ? 3   0DG A P     1 
HETATM 41  O OP1   . 0DG A 1 3 ? -5.915  3.171  5.114   1.00 27.71 ? 3   0DG A OP1   1 
HETATM 42  O OP2   . 0DG A 1 3 ? -7.229  5.404  5.656   1.00 30.04 ? 3   0DG A OP2   1 
HETATM 43  O "O5'" . 0DG A 1 3 ? -7.270  4.232  3.439   1.00 25.28 ? 3   0DG A "O5'" 1 
HETATM 44  C "C5'" . 0DG A 1 3 ? -8.278  5.123  2.920   1.00 23.90 ? 3   0DG A "C5'" 1 
HETATM 45  C "C4'" . 0DG A 1 3 ? -8.274  5.085  1.379   1.00 22.96 ? 3   0DG A "C4'" 1 
HETATM 46  O "O4'" . 0DG A 1 3 ? -8.530  3.667  1.002   1.00 22.45 ? 3   0DG A "O4'" 1 
HETATM 47  C "C3'" . 0DG A 1 3 ? -6.928  5.354  0.736   1.00 23.07 ? 3   0DG A "C3'" 1 
HETATM 48  O "O3'" . 0DG A 1 3 ? -6.785  6.754  0.696   1.00 25.12 ? 3   0DG A "O3'" 1 
HETATM 49  C "C2'" . 0DG A 1 3 ? -7.135  4.734  -0.696  1.00 21.63 ? 3   0DG A "C2'" 1 
HETATM 50  C "C1'" . 0DG A 1 3 ? -7.766  3.466  -0.275  1.00 20.70 ? 3   0DG A "C1'" 1 
HETATM 51  N N9    . 0DG A 1 3 ? -6.853  2.342  0.003   1.00 20.15 ? 3   0DG A N9    1 
HETATM 52  C C8    . 0DG A 1 3 ? -6.492  1.806  1.166   1.00 20.58 ? 3   0DG A C8    1 
HETATM 53  N N7    . 0DG A 1 3 ? -5.744  0.731  1.014   1.00 21.00 ? 3   0DG A N7    1 
HETATM 54  C C5    . 0DG A 1 3 ? -5.600  0.580  -0.332  1.00 17.42 ? 3   0DG A C5    1 
HETATM 55  C C6    . 0DG A 1 3 ? -4.940  -0.387 -1.064  1.00 16.34 ? 3   0DG A C6    1 
HETATM 56  O O6    . 0DG A 1 3 ? -4.312  -1.338 -0.600  1.00 19.20 ? 3   0DG A O6    1 
HETATM 57  N N1    . 0DG A 1 3 ? -5.068  -0.179 -2.394  1.00 17.29 ? 3   0DG A N1    1 
HETATM 58  C C2    . 0DG A 1 3 ? -5.713  0.807  -3.024  1.00 17.04 ? 3   0DG A C2    1 
HETATM 59  N N2    . 0DG A 1 3 ? -5.721  0.847  -4.346  1.00 18.72 ? 3   0DG A N2    1 
HETATM 60  N N3    . 0DG A 1 3 ? -6.380  1.720  -2.289  1.00 18.46 ? 3   0DG A N3    1 
HETATM 61  C C4    . 0DG A 1 3 ? -6.286  1.555  -0.962  1.00 17.78 ? 3   0DG A C4    1 
HETATM 62  P P     . 0DT A 1 4 ? -5.337  7.445  0.775   1.00 25.52 ? 4   0DT A P     1 
HETATM 63  O OP1   . 0DT A 1 4 ? -4.513  6.791  1.771   1.00 27.53 ? 4   0DT A OP1   1 
HETATM 64  O OP2   . 0DT A 1 4 ? -5.602  8.923  0.863   1.00 30.00 ? 4   0DT A OP2   1 
HETATM 65  O "O5'" . 0DT A 1 4 ? -4.682  7.129  -0.621  1.00 23.91 ? 4   0DT A "O5'" 1 
HETATM 66  C "C5'" . 0DT A 1 4 ? -5.181  7.714  -1.832  1.00 22.07 ? 4   0DT A "C5'" 1 
HETATM 67  C "C4'" . 0DT A 1 4 ? -4.630  6.997  -3.070  1.00 21.29 ? 4   0DT A "C4'" 1 
HETATM 68  O "O4'" . 0DT A 1 4 ? -5.001  5.576  -3.046  1.00 22.32 ? 4   0DT A "O4'" 1 
HETATM 69  C "C3'" . 0DT A 1 4 ? -3.095  6.876  -3.171  1.00 21.61 ? 4   0DT A "C3'" 1 
HETATM 70  O "O3'" . 0DT A 1 4 ? -2.589  8.172  -3.650  1.00 22.98 ? 4   0DT A "O3'" 1 
HETATM 71  C "C2'" . 0DT A 1 4 ? -2.929  5.800  -4.210  1.00 21.20 ? 4   0DT A "C2'" 1 
HETATM 72  C "C1'" . 0DT A 1 4 ? -3.941  4.821  -3.697  1.00 21.82 ? 4   0DT A "C1'" 1 
HETATM 73  N N1    . 0DT A 1 4 ? -3.416  3.847  -2.664  1.00 19.66 ? 4   0DT A N1    1 
HETATM 74  C C2    . 0DT A 1 4 ? -2.790  2.730  -3.128  1.00 19.05 ? 4   0DT A C2    1 
HETATM 75  O O2    . 0DT A 1 4 ? -2.638  2.581  -4.331  1.00 20.81 ? 4   0DT A O2    1 
HETATM 76  N N3    . 0DT A 1 4 ? -2.307  1.787  -2.170  1.00 19.20 ? 4   0DT A N3    1 
HETATM 77  C C4    . 0DT A 1 4 ? -2.462  2.003  -0.867  1.00 19.90 ? 4   0DT A C4    1 
HETATM 78  O O4    . 0DT A 1 4 ? -2.028  1.077  -0.144  1.00 21.12 ? 4   0DT A O4    1 
HETATM 79  C C5    . 0DT A 1 4 ? -3.083  3.151  -0.319  1.00 18.84 ? 4   0DT A C5    1 
HETATM 80  C C5M   . 0DT A 1 4 ? -3.250  3.340  1.105   1.00 20.32 ? 4   0DT A C5M   1 
HETATM 81  C C6    . 0DT A 1 4 ? -3.529  4.064  -1.252  1.00 19.86 ? 4   0DT A C6    1 
HETATM 82  C C8A   . 0DA A 1 5 ? 0.407   4.586  -3.079  1.00 19.44 ? 5   0DA A C8A   1 
HETATM 83  N N9A   . 0DA A 1 5 ? 0.918   3.942  -4.142  1.00 19.49 ? 5   0DA A N9A   1 
HETATM 84  C C4A   . 0DA A 1 5 ? 1.336   2.748  -3.708  1.00 17.51 ? 5   0DA A C4A   1 
HETATM 85  C C5A   . 0DA A 1 5 ? 1.122   2.683  -2.379  1.00 17.42 ? 5   0DA A C5A   1 
HETATM 86  N N7A   . 0DA A 1 5 ? 0.492   3.838  -1.983  1.00 18.18 ? 5   0DA A N7A   1 
HETATM 87  N N3A   . 0DA A 1 5 ? 1.914   1.742  -4.374  1.00 18.97 ? 5   0DA A N3A   1 
HETATM 88  C C2A   . 0DA A 1 5 ? 2.270   0.665  -3.634  1.00 17.77 ? 5   0DA A C2A   1 
HETATM 89  N N1A   . 0DA A 1 5 ? 2.044   0.542  -2.379  1.00 17.55 ? 5   0DA A N1A   1 
HETATM 90  C C6A   . 0DA A 1 5 ? 1.456   1.527  -1.681  1.00 16.65 ? 5   0DA A C6A   1 
HETATM 91  N N6A   . 0DA A 1 5 ? 1.184   1.385  -0.387  1.00 18.17 ? 5   0DA A N6A   1 
HETATM 92  C "C4'" . 0DA A 1 5 ? 0.589   6.548  -6.068  1.00 21.28 ? 5   0DA A "C4'" 1 
HETATM 93  O "O4'" . 0DA A 1 5 ? -0.009  5.349  -5.783  1.00 21.50 ? 5   0DA A "O4'" 1 
HETATM 94  C "C3'" . 0DA A 1 5 ? 2.013   6.445  -5.541  1.00 23.83 ? 5   0DA A "C3'" 1 
HETATM 95  C "C2'" . 0DA A 1 5 ? 2.338   4.993  -5.935  1.00 23.10 ? 5   0DA A "C2'" 1 
HETATM 96  C "C1'" . 0DA A 1 5 ? 1.049   4.338  -5.568  1.00 21.08 ? 5   0DA A "C1'" 1 
HETATM 97  O "O3'" . 0DA A 1 5 ? 2.823   7.426  -6.255  1.00 25.46 ? 5   0DA A "O3'" 1 
HETATM 98  C "C5'" . 0DA A 1 5 ? -0.071  7.747  -5.514  1.00 21.66 ? 5   0DA A "C5'" 1 
HETATM 99  O "O5'" . 0DA A 1 5 ? -0.180  7.659  -4.088  1.00 22.53 ? 5   0DA A "O5'" 1 
HETATM 100 P P     . 0DA A 1 5 ? -1.100  8.659  -3.314  1.00 23.18 ? 5   0DA A P     1 
HETATM 101 O OP2   . 0DA A 1 5 ? -0.945  10.049 -3.840  1.00 25.67 ? 5   0DA A OP2   1 
HETATM 102 O OP1   . 0DA A 1 5 ? -0.802  8.402  -1.892  1.00 25.52 ? 5   0DA A OP1   1 
HETATM 103 P P     . 0DC A 1 6 ? 4.116   8.050  -5.595  1.00 25.89 ? 6   0DC A P     1 
HETATM 104 O OP1   . 0DC A 1 6 ? 3.846   8.287  -4.174  1.00 27.71 ? 6   0DC A OP1   1 
HETATM 105 O OP2   . 0DC A 1 6 ? 4.599   9.184  -6.474  1.00 30.44 ? 6   0DC A OP2   1 
HETATM 106 O "O5'" . 0DC A 1 6 ? 5.185   6.894  -5.689  1.00 24.79 ? 6   0DC A "O5'" 1 
HETATM 107 C "C5'" . 0DC A 1 6 ? 5.784   6.515  -6.905  1.00 24.84 ? 6   0DC A "C5'" 1 
HETATM 108 C "C4'" . 0DC A 1 6 ? 6.402   5.122  -6.734  1.00 25.51 ? 6   0DC A "C4'" 1 
HETATM 109 O "O4'" . 0DC A 1 6 ? 5.424   4.131  -6.268  1.00 23.86 ? 6   0DC A "O4'" 1 
HETATM 110 C "C3'" . 0DC A 1 6 ? 7.388   5.154  -5.632  1.00 25.36 ? 6   0DC A "C3'" 1 
HETATM 111 O "O3'" . 0DC A 1 6 ? 8.659   5.697  -6.086  1.00 27.53 ? 6   0DC A "O3'" 1 
HETATM 112 C "C2'" . 0DC A 1 6 ? 7.482   3.662  -5.437  1.00 22.35 ? 6   0DC A "C2'" 1 
HETATM 113 C "C1'" . 0DC A 1 6 ? 6.067   3.216  -5.386  1.00 22.57 ? 6   0DC A "C1'" 1 
HETATM 114 N N1    . 0DC A 1 6 ? 5.461   3.329  -4.030  1.00 20.14 ? 6   0DC A N1    1 
HETATM 115 C C2    . 0DC A 1 6 ? 5.530   2.242  -3.218  1.00 19.71 ? 6   0DC A C2    1 
HETATM 116 O O2    . 0DC A 1 6 ? 6.107   1.198  -3.544  1.00 20.98 ? 6   0DC A O2    1 
HETATM 117 N N3    . 0DC A 1 6 ? 4.995   2.350  -1.966  1.00 17.75 ? 6   0DC A N3    1 
HETATM 118 C C4    . 0DC A 1 6 ? 4.385   3.479  -1.535  1.00 16.96 ? 6   0DC A C4    1 
HETATM 119 N N4    . 0DC A 1 6 ? 3.879   3.427  -0.319  1.00 17.98 ? 6   0DC A N4    1 
HETATM 120 C C5    . 0DC A 1 6 ? 4.283   4.612  -2.336  1.00 18.19 ? 6   0DC A C5    1 
HETATM 121 C C6    . 0DC A 1 6 ? 4.854   4.474  -3.573  1.00 20.72 ? 6   0DC A C6    1 
HETATM 122 P P     . 0DG A 1 7 ? 9.718   6.340  -5.051  1.00 26.91 ? 7   0DG A P     1 
HETATM 123 O OP1   . 0DG A 1 7 ? 9.029   7.127  -3.987  1.00 28.22 ? 7   0DG A OP1   1 
HETATM 124 O OP2   . 0DG A 1 7 ? 10.854  6.925  -5.887  1.00 30.15 ? 7   0DG A OP2   1 
HETATM 125 O "O5'" . 0DG A 1 7 ? 10.255  5.066  -4.258  1.00 23.45 ? 7   0DG A "O5'" 1 
HETATM 126 C "C5'" . 0DG A 1 7 ? 10.899  4.045  -5.005  1.00 22.19 ? 7   0DG A "C5'" 1 
HETATM 127 C "C4'" . 0DG A 1 7 ? 11.207  2.897  -4.002  1.00 20.78 ? 7   0DG A "C4'" 1 
HETATM 128 O "O4'" . 0DG A 1 7 ? 9.955   2.329  -3.559  1.00 19.87 ? 7   0DG A "O4'" 1 
HETATM 129 C "C3'" . 0DG A 1 7 ? 11.873  3.244  -2.724  1.00 22.41 ? 7   0DG A "C3'" 1 
HETATM 130 O "O3'" . 0DG A 1 7 ? 13.283  3.198  -2.996  1.00 25.40 ? 7   0DG A "O3'" 1 
HETATM 131 C "C2'" . 0DG A 1 7 ? 11.537  2.070  -1.814  1.00 19.84 ? 7   0DG A "C2'" 1 
HETATM 132 C "C1'" . 0DG A 1 7 ? 10.108  1.786  -2.264  1.00 18.59 ? 7   0DG A "C1'" 1 
HETATM 133 N N9    . 0DG A 1 7 ? 9.088   2.572  -1.407  1.00 18.14 ? 7   0DG A N9    1 
HETATM 134 C C8    . 0DG A 1 7 ? 8.441   3.749  -1.633  1.00 18.40 ? 7   0DG A C8    1 
HETATM 135 N N7    . 0DG A 1 7 ? 7.628   4.033  -0.593  1.00 17.84 ? 7   0DG A N7    1 
HETATM 136 C C5    . 0DG A 1 7 ? 7.738   3.039  0.295   1.00 15.54 ? 7   0DG A C5    1 
HETATM 137 C C6    . 0DG A 1 7 ? 7.199   2.817  1.512   1.00 16.15 ? 7   0DG A C6    1 
HETATM 138 O O6    . 0DG A 1 7 ? 6.324   3.522  2.103   1.00 17.11 ? 7   0DG A O6    1 
HETATM 139 N N1    . 0DG A 1 7 ? 7.640   1.681  2.129   1.00 15.96 ? 7   0DG A N1    1 
HETATM 140 C C2    . 0DG A 1 7 ? 8.588   0.789  1.654   1.00 16.17 ? 7   0DG A C2    1 
HETATM 141 N N2    . 0DG A 1 7 ? 8.918   -0.259 2.403   1.00 17.53 ? 7   0DG A N2    1 
HETATM 142 N N3    . 0DG A 1 7 ? 9.086   1.028  0.424   1.00 17.26 ? 7   0DG A N3    1 
HETATM 143 C C4    . 0DG A 1 7 ? 8.664   2.137  -0.189  1.00 16.56 ? 7   0DG A C4    1 
HETATM 144 P P     . 0DC A 1 8 ? 14.285  4.249  -2.240  1.00 28.42 ? 8   0DC A P     1 
HETATM 145 O OP1   . 0DC A 1 8 ? 13.631  5.483  -2.171  1.00 29.40 ? 8   0DC A OP1   1 
HETATM 146 O OP2   . 0DC A 1 8 ? 15.608  4.100  -2.914  1.00 35.40 ? 8   0DC A OP2   1 
HETATM 147 O "O5'" . 0DC A 1 8 ? 14.396  3.736  -0.801  1.00 22.93 ? 8   0DC A "O5'" 1 
HETATM 148 C "C5'" . 0DC A 1 8 ? 15.103  2.528  -0.507  1.00 21.05 ? 8   0DC A "C5'" 1 
HETATM 149 C "C4'" . 0DC A 1 8 ? 14.824  2.071  0.903   1.00 22.20 ? 8   0DC A "C4'" 1 
HETATM 150 O "O4'" . 0DC A 1 8 ? 13.406  1.748  1.044   1.00 20.04 ? 8   0DC A "O4'" 1 
HETATM 151 C "C3'" . 0DC A 1 8 ? 15.048  3.162  1.956   1.00 23.40 ? 8   0DC A "C3'" 1 
HETATM 152 O "O3'" . 0DC A 1 8 ? 16.484  3.167  2.276   1.00 25.84 ? 8   0DC A "O3'" 1 
HETATM 153 C "C2'" . 0DC A 1 8 ? 14.285  2.641  3.043   1.00 23.86 ? 8   0DC A "C2'" 1 
HETATM 154 C "C1'" . 0DC A 1 8 ? 13.058  1.983  2.400   1.00 21.84 ? 8   0DC A "C1'" 1 
HETATM 155 N N1    . 0DC A 1 8 ? 11.873  2.903  2.367   1.00 18.29 ? 8   0DC A N1    1 
HETATM 156 C C2    . 0DC A 1 8 ? 11.084  2.832  3.485   1.00 20.15 ? 8   0DC A C2    1 
HETATM 157 O O2    . 0DC A 1 8 ? 11.350  2.025  4.383   1.00 22.29 ? 8   0DC A O2    1 
HETATM 158 N N3    . 0DC A 1 8 ? 10.023  3.692  3.573   1.00 18.57 ? 8   0DC A N3    1 
HETATM 159 C C4    . 0DC A 1 8 ? 9.738   4.645  2.609   1.00 17.76 ? 8   0DC A C4    1 
HETATM 160 N N4    . 0DC A 1 8 ? 8.722   5.445  2.766   1.00 18.61 ? 8   0DC A N4    1 
HETATM 161 C C5    . 0DC A 1 8 ? 10.607  4.730  1.483   1.00 17.55 ? 8   0DC A C5    1 
HETATM 162 C C6    . 0DC A 1 8 ? 11.665  3.862  1.430   1.00 18.80 ? 8   0DC A C6    1 
HETATM 163 O "O5'" . 0DG B 1 1 ? 3.067   4.165  11.451  1.00 27.80 ? 1   0DG B "O5'" 1 
HETATM 164 C "C5'" . 0DG B 1 1 ? 3.579   3.407  12.543  1.00 24.70 ? 1   0DG B "C5'" 1 
HETATM 165 C "C4'" . 0DG B 1 1 ? 4.872   2.693  12.219  1.00 21.61 ? 1   0DG B "C4'" 1 
HETATM 166 O "O4'" . 0DG B 1 1 ? 5.941   3.665  11.828  1.00 20.19 ? 1   0DG B "O4'" 1 
HETATM 167 C "C3'" . 0DG B 1 1 ? 4.765   1.778  11.002  1.00 21.92 ? 1   0DG B "C3'" 1 
HETATM 168 O "O3'" . 0DG B 1 1 ? 4.213   0.551  11.471  1.00 22.54 ? 1   0DG B "O3'" 1 
HETATM 169 C "C2'" . 0DG B 1 1 ? 6.242   1.628  10.690  1.00 18.88 ? 1   0DG B "C2'" 1 
HETATM 170 C "C1'" . 0DG B 1 1 ? 6.753   3.033  10.801  1.00 18.55 ? 1   0DG B "C1'" 1 
HETATM 171 N N9    . 0DG B 1 1 ? 6.561   3.789  9.566   1.00 18.13 ? 1   0DG B N9    1 
HETATM 172 C C8    . 0DG B 1 1 ? 5.647   4.742  9.279   1.00 19.28 ? 1   0DG B C8    1 
HETATM 173 N N7    . 0DG B 1 1 ? 5.790   5.154  8.007   1.00 20.11 ? 1   0DG B N7    1 
HETATM 174 C C5    . 0DG B 1 1 ? 6.837   4.487  7.500   1.00 17.72 ? 1   0DG B C5    1 
HETATM 175 C C6    . 0DG B 1 1 ? 7.438   4.469  6.245   1.00 17.83 ? 1   0DG B C6    1 
HETATM 176 O O6    . 0DG B 1 1 ? 7.170   5.200  5.240   1.00 19.16 ? 1   0DG B O6    1 
HETATM 177 N N1    . 0DG B 1 1 ? 8.448   3.568  6.148   1.00 18.28 ? 1   0DG B N1    1 
HETATM 178 C C2    . 0DG B 1 1 ? 8.901   2.726  7.118   1.00 18.15 ? 1   0DG B C2    1 
HETATM 179 N N2    . 0DG B 1 1 ? 9.924   1.920  6.872   1.00 19.48 ? 1   0DG B N2    1 
HETATM 180 N N3    . 0DG B 1 1 ? 8.333   2.755  8.330   1.00 17.78 ? 1   0DG B N3    1 
HETATM 181 C C4    . 0DG B 1 1 ? 7.286   3.593  8.451   1.00 18.35 ? 1   0DG B C4    1 
HETATM 182 N N1    . OFC B 1 2 ? 6.677   -0.253 6.774   1.00 17.67 ? 2   OFC B N1    1 
HETATM 183 C C2    . OFC B 1 2 ? 7.147   0.100  5.536   1.00 18.26 ? 2   OFC B C2    1 
HETATM 184 O O2    . OFC B 1 2 ? 8.094   -0.549 5.102   1.00 19.88 ? 2   OFC B O2    1 
HETATM 185 P P     . OFC B 1 2 ? 3.250   -0.332 10.542  1.00 24.14 ? 2   OFC B P     1 
HETATM 186 N N3    . OFC B 1 2 ? 6.569   1.097  4.837   1.00 17.88 ? 2   OFC B N3    1 
HETATM 187 C C4    . OFC B 1 2 ? 5.534   1.786  5.297   1.00 18.12 ? 2   OFC B C4    1 
HETATM 188 N N4    . OFC B 1 2 ? 5.060   2.783  4.560   1.00 19.17 ? 2   OFC B N4    1 
HETATM 189 C C5    . OFC B 1 2 ? 4.999   1.459  6.571   1.00 18.30 ? 2   OFC B C5    1 
HETATM 190 C C6    . OFC B 1 2 ? 5.620   0.462  7.275   1.00 18.79 ? 2   OFC B C6    1 
HETATM 191 C "C1'" . OFC B 1 2 ? 7.339   -1.347 7.482   1.00 18.69 ? 2   OFC B "C1'" 1 
HETATM 192 O "O4'" . OFC B 1 2 ? 6.909   -1.272 8.887   1.00 21.40 ? 2   OFC B "O4'" 1 
HETATM 193 C "C2'" . OFC B 1 2 ? 6.909   -2.684 7.042   1.00 20.49 ? 2   OFC B "C2'" 1 
HETATM 194 F "F2'" . OFC B 1 2 ? 7.952   -3.570 7.377   1.00 23.86 ? 2   OFC B "F2'" 1 
HETATM 195 C "C3'" . OFC B 1 2 ? 5.668   -2.897 7.845   1.00 22.20 ? 2   OFC B "C3'" 1 
HETATM 196 O "O3'" . OFC B 1 2 ? 5.346   -4.307 7.852   1.00 23.86 ? 2   OFC B "O3'" 1 
HETATM 197 C "C4'" . OFC B 1 2 ? 6.153   -2.486 9.217   1.00 22.40 ? 2   OFC B "C4'" 1 
HETATM 198 C "C5'" . OFC B 1 2 ? 4.998   -2.207 10.172  1.00 22.37 ? 2   OFC B "C5'" 1 
HETATM 199 O "O5'" . OFC B 1 2 ? 4.231   -1.212 9.627   1.00 23.31 ? 2   OFC B "O5'" 1 
HETATM 200 O OP1   . OFC B 1 2 ? 2.504   0.468  9.653   1.00 24.28 ? 2   OFC B OP1   1 
HETATM 201 O OP2   . OFC B 1 2 ? 2.527   -1.260 11.462  1.00 26.09 ? 2   OFC B OP2   1 
HETATM 202 P P     . 0DG B 1 3 ? 4.356   -4.926 6.712   1.00 25.30 ? 3   0DG B P     1 
HETATM 203 O OP1   . 0DG B 1 3 ? 3.261   -4.008 6.459   1.00 27.18 ? 3   0DG B OP1   1 
HETATM 204 O OP2   . 0DG B 1 3 ? 4.049   -6.305 7.155   1.00 29.43 ? 3   0DG B OP2   1 
HETATM 205 O "O5'" . 0DG B 1 3 ? 5.282   -4.968 5.427   1.00 23.64 ? 3   0DG B "O5'" 1 
HETATM 206 C "C5'" . 0DG B 1 3 ? 6.418   -5.780 5.359   1.00 22.68 ? 3   0DG B "C5'" 1 
HETATM 207 C "C4'" . 0DG B 1 3 ? 7.153   -5.526 4.064   1.00 23.56 ? 3   0DG B "C4'" 1 
HETATM 208 O "O4'" . 0DG B 1 3 ? 7.489   -4.183 3.920   1.00 23.25 ? 3   0DG B "O4'" 1 
HETATM 209 C "C3'" . 0DG B 1 3 ? 6.289   -5.770 2.863   1.00 22.75 ? 3   0DG B "C3'" 1 
HETATM 210 O "O3'" . 0DG B 1 3 ? 6.275   -7.236 2.515   1.00 24.96 ? 3   0DG B "O3'" 1 
HETATM 211 C "C2'" . 0DG B 1 3 ? 7.049   -5.032 1.805   1.00 22.31 ? 3   0DG B "C2'" 1 
HETATM 212 C "C1'" . 0DG B 1 3 ? 7.398   -3.791 2.506   1.00 20.78 ? 3   0DG B "C1'" 1 
HETATM 213 N N9    . 0DG B 1 3 ? 6.337   -2.698 2.545   1.00 19.66 ? 3   0DG B N9    1 
HETATM 214 C C8    . 0DG B 1 3 ? 5.501   -2.325 3.466   1.00 19.73 ? 3   0DG B C8    1 
HETATM 215 N N7    . 0DG B 1 3 ? 4.800   -1.241 3.144   1.00 20.13 ? 3   0DG B N7    1 
HETATM 216 C C5    . 0DG B 1 3 ? 5.228   -0.939 1.892   1.00 18.04 ? 3   0DG B C5    1 
HETATM 217 C C6    . 0DG B 1 3 ? 4.851   0.072  1.042   1.00 17.44 ? 3   0DG B C6    1 
HETATM 218 O O6    . 0DG B 1 3 ? 4.047   1.031  1.268   1.00 19.34 ? 3   0DG B O6    1 
HETATM 219 N N1    . 0DG B 1 3 ? 5.509   0.102  -0.143  1.00 17.55 ? 3   0DG B N1    1 
HETATM 220 C C2    . 0DG B 1 3 ? 6.437   -0.841 -0.521  1.00 18.93 ? 3   0DG B C2    1 
HETATM 221 N N2    . 0DG B 1 3 ? 6.994   -0.706 -1.732  1.00 19.27 ? 3   0DG B N2    1 
HETATM 222 N N3    . 0DG B 1 3 ? 6.799   -1.812 0.321   1.00 19.47 ? 3   0DG B N3    1 
HETATM 223 C C4    . 0DG B 1 3 ? 6.185   -1.812 1.520   1.00 18.15 ? 3   0DG B C4    1 
HETATM 224 P P     . 0DT B 1 4 ? 4.995   -7.914 1.827   1.00 23.98 ? 4   0DT B P     1 
HETATM 225 O OP1   . 0DT B 1 4 ? 3.779   -7.471 2.517   1.00 25.42 ? 4   0DT B OP1   1 
HETATM 226 O OP2   . 0DT B 1 4 ? 5.271   -9.388 1.754   1.00 26.95 ? 4   0DT B OP2   1 
HETATM 227 O "O5'" . 0DT B 1 4 ? 4.961   -7.303 0.399   1.00 22.17 ? 4   0DT B "O5'" 1 
HETATM 228 C "C5'" . 0DT B 1 4 ? 5.973   -7.636 -0.556  1.00 21.48 ? 4   0DT B "C5'" 1 
HETATM 229 C "C4'" . 0DT B 1 4 ? 5.785   -6.768 -1.778  1.00 20.92 ? 4   0DT B "C4'" 1 
HETATM 230 O "O4'" . 0DT B 1 4 ? 5.995   -5.392 -1.393  1.00 20.85 ? 4   0DT B "O4'" 1 
HETATM 231 C "C3'" . 0DT B 1 4 ? 4.419   -6.737 -2.412  1.00 21.75 ? 4   0DT B "C3'" 1 
HETATM 232 O "O3'" . 0DT B 1 4 ? 4.304   -7.876 -3.242  1.00 23.68 ? 4   0DT B "O3'" 1 
HETATM 233 C "C2'" . 0DT B 1 4 ? 4.543   -5.525 -3.207  1.00 21.43 ? 4   0DT B "C2'" 1 
HETATM 234 C "C1'" . 0DT B 1 4 ? 5.188   -4.574 -2.267  1.00 21.01 ? 4   0DT B "C1'" 1 
HETATM 235 N N1    . 0DT B 1 4 ? 4.210   -3.778 -1.391  1.00 18.76 ? 4   0DT B N1    1 
HETATM 236 C C2    . 0DT B 1 4 ? 3.741   -2.610 -1.919  1.00 20.16 ? 4   0DT B C2    1 
HETATM 237 O O2    . 0DT B 1 4 ? 3.979   -2.246 -3.082  1.00 21.63 ? 4   0DT B O2    1 
HETATM 238 N N3    . 0DT B 1 4 ? 2.889   -1.853 -1.156  1.00 18.16 ? 4   0DT B N3    1 
HETATM 239 C C4    . 0DT B 1 4 ? 2.535   -2.228 0.112   1.00 19.19 ? 4   0DT B C4    1 
HETATM 240 O O4    . 0DT B 1 4 ? 1.790   -1.447 0.737   1.00 19.77 ? 4   0DT B O4    1 
HETATM 241 C C5    . 0DT B 1 4 ? 2.971   -3.444 0.691   1.00 18.26 ? 4   0DT B C5    1 
HETATM 242 C C5M   . 0DT B 1 4 ? 2.551   -3.859 1.975   1.00 20.03 ? 4   0DT B C5M   1 
HETATM 243 C C6    . 0DT B 1 4 ? 3.816   -4.223 -0.111  1.00 19.54 ? 4   0DT B C6    1 
HETATM 244 C C8A   . 0DA B 1 5 ? 0.960   -4.372 -3.659  1.00 19.44 ? 5   0DA B C8A   1 
HETATM 245 N N9A   . 0DA B 1 5 ? 0.909   -3.655 -4.786  1.00 20.88 ? 5   0DA B N9A   1 
HETATM 246 C C4A   . 0DA B 1 5 ? 0.250   -2.505 -4.436  1.00 20.62 ? 5   0DA B C4A   1 
HETATM 247 C C5A   . 0DA B 1 5 ? -0.048  -2.558 -3.103  1.00 18.62 ? 5   0DA B C5A   1 
HETATM 248 N N7A   . 0DA B 1 5 ? 0.429   -3.745 -2.625  1.00 19.89 ? 5   0DA B N7A   1 
HETATM 249 N N3A   . 0DA B 1 5 ? -0.028  -1.455 -5.203  1.00 22.41 ? 5   0DA B N3A   1 
HETATM 250 C C2A   . 0DA B 1 5 ? -0.680  -0.426 -4.503  1.00 20.25 ? 5   0DA B C2A   1 
HETATM 251 N N1A   . 0DA B 1 5 ? -0.993  -0.481 -3.198  1.00 19.67 ? 5   0DA B N1A   1 
HETATM 252 C C6A   . 0DA B 1 5 ? -0.696  -1.518 -2.439  1.00 18.12 ? 5   0DA B C6A   1 
HETATM 253 N N6A   . 0DA B 1 5 ? -0.945  -1.523 -1.168  1.00 19.51 ? 5   0DA B N6A   1 
HETATM 254 C "C4'" . 0DA B 1 5 ? 2.285   -5.967 -6.772  1.00 22.29 ? 5   0DA B "C4'" 1 
HETATM 255 O "O4'" . 0DA B 1 5 ? 2.565   -4.760 -6.025  1.00 23.48 ? 5   0DA B "O4'" 1 
HETATM 256 C "C3'" . 0DA B 1 5 ? 0.729   -5.969 -6.752  1.00 22.84 ? 5   0DA B "C3'" 1 
HETATM 257 C "C2'" . 0DA B 1 5 ? 0.519   -4.528 -7.178  1.00 23.29 ? 5   0DA B "C2'" 1 
HETATM 258 C "C1'" . 0DA B 1 5 ? 1.430   -3.899 -6.146  1.00 24.36 ? 5   0DA B "C1'" 1 
HETATM 259 O "O3'" . 0DA B 1 5 ? 0.332   -6.831 -7.754  1.00 25.69 ? 5   0DA B "O3'" 1 
HETATM 260 C "C5'" . 0DA B 1 5 ? 2.913   -7.191 -6.092  1.00 23.31 ? 5   0DA B "C5'" 1 
HETATM 261 O "O5'" . 0DA B 1 5 ? 2.360   -7.328 -4.795  1.00 22.47 ? 5   0DA B "O5'" 1 
HETATM 262 P P     . 0DA B 1 5 ? 2.822   -8.391 -3.725  1.00 24.39 ? 5   0DA B P     1 
HETATM 263 O OP2   . 0DA B 1 5 ? 3.048   -9.695 -4.435  1.00 27.73 ? 5   0DA B OP2   1 
HETATM 264 O OP1   . 0DA B 1 5 ? 1.906   -8.369 -2.544  1.00 26.37 ? 5   0DA B OP1   1 
HETATM 265 P P     . 0DC B 1 6 ? -1.119  -7.597 -7.703  1.00 27.21 ? 6   0DC B P     1 
HETATM 266 O OP1   . 0DC B 1 6 ? -1.413  -8.036 -6.370  1.00 27.30 ? 6   0DC B OP1   1 
HETATM 267 O OP2   . 0DC B 1 6 ? -1.065  -8.629 -8.847  1.00 29.47 ? 6   0DC B OP2   1 
HETATM 268 O "O5'" . 0DC B 1 6 ? -2.194  -6.443 -8.097  1.00 25.46 ? 6   0DC B "O5'" 1 
HETATM 269 C "C5'" . 0DC B 1 6 ? -2.217  -5.823 -9.338  1.00 24.17 ? 6   0DC B "C5'" 1 
HETATM 270 C "C4'" . 0DC B 1 6 ? -3.041  -4.515 -9.266  1.00 24.60 ? 6   0DC B "C4'" 1 
HETATM 271 O "O4'" . 0DC B 1 6 ? -2.346  -3.605 -8.339  1.00 24.01 ? 6   0DC B "O4'" 1 
HETATM 272 C "C3'" . 0DC B 1 6 ? -4.412  -4.599 -8.603  1.00 23.40 ? 6   0DC B "C3'" 1 
HETATM 273 O "O3'" . 0DC B 1 6 ? -5.373  -5.095 -9.645  1.00 26.18 ? 6   0DC B "O3'" 1 
HETATM 274 C "C2'" . 0DC B 1 6 ? -4.628  -3.130 -8.284  1.00 21.55 ? 6   0DC B "C2'" 1 
HETATM 275 C "C1'" . 0DC B 1 6 ? -3.319  -2.762 -7.659  1.00 21.12 ? 6   0DC B "C1'" 1 
HETATM 276 N N1    . 0DC B 1 6 ? -3.314  -3.081 -6.234  1.00 20.56 ? 6   0DC B N1    1 
HETATM 277 C C2    . 0DC B 1 6 ? -3.778  -2.092 -5.394  1.00 19.60 ? 6   0DC B C2    1 
HETATM 278 O O2    . 0DC B 1 6 ? -4.200  -1.048 -5.880  1.00 21.22 ? 6   0DC B O2    1 
HETATM 279 N N3    . 0DC B 1 6 ? -3.808  -2.302 -4.068  1.00 19.02 ? 6   0DC B N3    1 
HETATM 280 C C4    . 0DC B 1 6 ? -3.358  -3.446 -3.487  1.00 18.28 ? 6   0DC B C4    1 
HETATM 281 N N4    . 0DC B 1 6 ? -3.411  -3.624 -2.215  1.00 19.38 ? 6   0DC B N4    1 
HETATM 282 C C5    . 0DC B 1 6 ? -2.912  -4.500 -4.311  1.00 19.83 ? 6   0DC B C5    1 
HETATM 283 C C6    . 0DC B 1 6 ? -2.882  -4.246 -5.674  1.00 20.64 ? 6   0DC B C6    1 
HETATM 284 P P     . 0DG B 1 7 ? -6.778  -5.768 -9.198  1.00 24.02 ? 7   0DG B P     1 
HETATM 285 O OP1   . 0DG B 1 7 ? -6.543  -6.681 -8.147  1.00 27.30 ? 7   0DG B OP1   1 
HETATM 286 O OP2   . 0DG B 1 7 ? -7.449  -6.186 -10.473 1.00 25.66 ? 7   0DG B OP2   1 
HETATM 287 O "O5'" . 0DG B 1 7 ? -7.592  -4.492 -8.514  1.00 22.48 ? 7   0DG B "O5'" 1 
HETATM 288 C "C5'" . 0DG B 1 7 ? -8.013  -3.408 -9.329  1.00 20.80 ? 7   0DG B "C5'" 1 
HETATM 289 C "C4'" . 0DG B 1 7 ? -8.626  -2.282 -8.553  1.00 19.47 ? 7   0DG B "C4'" 1 
HETATM 290 O "O4'" . 0DG B 1 7 ? -7.575  -1.853 -7.597  1.00 21.44 ? 7   0DG B "O4'" 1 
HETATM 291 C "C3'" . 0DG B 1 7 ? -9.708  -2.688 -7.619  1.00 20.89 ? 7   0DG B "C3'" 1 
HETATM 292 O "O3'" . 0DG B 1 7 ? -10.923 -2.619 -8.430  1.00 21.96 ? 7   0DG B "O3'" 1 
HETATM 293 C "C2'" . 0DG B 1 7 ? -9.698  -1.540 -6.626  1.00 19.50 ? 7   0DG B "C2'" 1 
HETATM 294 C "C1'" . 0DG B 1 7 ? -8.213  -1.369 -6.338  1.00 20.36 ? 7   0DG B "C1'" 1 
HETATM 295 N N9    . 0DG B 1 7 ? -7.698  -2.261 -5.294  1.00 18.77 ? 7   0DG B N9    1 
HETATM 296 C C8    . 0DG B 1 7 ? -7.026  -3.411 -5.319  1.00 18.27 ? 7   0DG B C8    1 
HETATM 297 N N7    . 0DG B 1 7 ? -6.720  -3.926 -4.123  1.00 18.58 ? 7   0DG B N7    1 
HETATM 298 C C5    . 0DG B 1 7 ? -7.261  -2.998 -3.280  1.00 17.24 ? 7   0DG B C5    1 
HETATM 299 C C6    . 0DG B 1 7 ? -7.271  -2.960 -1.909  1.00 17.01 ? 7   0DG B C6    1 
HETATM 300 O O6    . 0DG B 1 7 ? -6.780  -3.793 -1.115  1.00 19.78 ? 7   0DG B O6    1 
HETATM 301 N N1    . 0DG B 1 7 ? -7.984  -1.899 -1.387  1.00 16.68 ? 7   0DG B N1    1 
HETATM 302 C C2    . 0DG B 1 7 ? -8.587  -0.917 -2.131  1.00 16.18 ? 7   0DG B C2    1 
HETATM 303 N N2    . 0DG B 1 7 ? -9.245  0.014  -1.477  1.00 17.73 ? 7   0DG B N2    1 
HETATM 304 N N3    . 0DG B 1 7 ? -8.534  -0.920 -3.467  1.00 16.99 ? 7   0DG B N3    1 
HETATM 305 C C4    . 0DG B 1 7 ? -7.870  -1.990 -3.964  1.00 17.52 ? 7   0DG B C4    1 
HETATM 306 P P     . 0DC B 1 8 ? -12.306 -3.267 -7.850  1.00 23.95 ? 8   0DC B P     1 
HETATM 307 O OP1   . 0DC B 1 8 ? -12.016 -4.384 -7.189  1.00 20.62 ? 8   0DC B OP1   1 
HETATM 308 O OP2   . 0DC B 1 8 ? -13.295 -3.282 -8.947  1.00 29.39 ? 8   0DC B OP2   1 
HETATM 309 O "O5'" . 0DC B 1 8 ? -12.734 -2.001 -6.858  1.00 23.93 ? 8   0DC B "O5'" 1 
HETATM 310 C "C5'" . 0DC B 1 8 ? -13.766 -2.260 -5.939  1.00 24.12 ? 8   0DC B "C5'" 1 
HETATM 311 C "C4'" . 0DC B 1 8 ? -13.636 -1.205 -4.874  1.00 21.85 ? 8   0DC B "C4'" 1 
HETATM 312 O "O4'" . 0DC B 1 8 ? -12.348 -1.271 -4.183  1.00 20.69 ? 8   0DC B "O4'" 1 
HETATM 313 C "C3'" . 0DC B 1 8 ? -14.779 -1.416 -3.882  1.00 21.25 ? 8   0DC B "C3'" 1 
HETATM 314 O "O3'" . 0DC B 1 8 ? -15.195 -0.163 -3.354  1.00 22.96 ? 8   0DC B "O3'" 1 
HETATM 315 C "C2'" . 0DC B 1 8 ? -14.044 -2.137 -2.833  1.00 21.09 ? 8   0DC B "C2'" 1 
HETATM 316 C "C1'" . 0DC B 1 8 ? -12.543 -1.648 -2.846  1.00 19.95 ? 8   0DC B "C1'" 1 
HETATM 317 N N1    . 0DC B 1 8 ? -11.584 -2.729 -2.418  1.00 19.56 ? 8   0DC B N1    1 
HETATM 318 C C2    . 0DC B 1 8 ? -11.381 -2.896 -1.106  1.00 19.03 ? 8   0DC B C2    1 
HETATM 319 O O2    . 0DC B 1 8 ? -11.898 -2.153 -0.282  1.00 20.24 ? 8   0DC B O2    1 
HETATM 320 N N3    . 0DC B 1 8 ? -10.570 -3.964 -0.699  1.00 21.37 ? 8   0DC B N3    1 
HETATM 321 C C4    . 0DC B 1 8 ? -10.013 -4.826 -1.629  1.00 22.11 ? 8   0DC B C4    1 
HETATM 322 N N4    . 0DC B 1 8 ? -9.257  -5.803 -1.070  1.00 23.98 ? 8   0DC B N4    1 
HETATM 323 C C5    . 0DC B 1 8 ? -10.305 -4.656 -2.967  1.00 20.59 ? 8   0DC B C5    1 
HETATM 324 C C6    . 0DC B 1 8 ? -11.098 -3.598 -3.372  1.00 20.37 ? 8   0DC B C6    1 
HETATM 325 O O     . HOH C 2 . ? -1.662  0.462  2.343   1.00 35.16 ? 101 HOH A O     1 
HETATM 326 O O     . HOH C 2 . ? -3.617  -2.330 1.725   1.00 38.12 ? 102 HOH A O     1 
HETATM 327 O O     . HOH C 2 . ? -11.665 -7.067 9.296   1.00 34.45 ? 103 HOH A O     1 
HETATM 328 O O     . HOH C 2 . ? -1.760  2.228  -6.819  1.00 27.41 ? 104 HOH A O     1 
HETATM 329 O O     . HOH C 2 . ? 5.088   5.893  2.000   1.00 30.37 ? 105 HOH A O     1 
HETATM 330 O O     . HOH C 2 . ? 5.786   -1.084 -5.017  1.00 28.72 ? 106 HOH A O     1 
HETATM 331 O O     . HOH C 2 . ? -5.272  0.515  3.736   1.00 36.75 ? 107 HOH A O     1 
HETATM 332 O O     . HOH C 2 . ? 6.383   6.519  -0.515  1.00 25.61 ? 108 HOH A O     1 
HETATM 333 O O     . HOH C 2 . ? 8.735   7.539  0.844   1.00 27.23 ? 109 HOH A O     1 
HETATM 334 O O     . HOH C 2 . ? 3.287   1.660  -6.899  1.00 34.25 ? 110 HOH A O     1 
HETATM 335 O O     . HOH C 2 . ? 2.176   7.735  -1.839  1.00 31.53 ? 111 HOH A O     1 
HETATM 336 O O     . HOH C 2 . ? 0.285   3.579  1.364   1.00 38.94 ? 112 HOH A O     1 
HETATM 337 O O     . HOH C 2 . ? -11.162 2.385  0.575   1.00 26.91 ? 113 HOH A O     1 
HETATM 338 O O     . HOH C 2 . ? 10.452  6.974  -1.375  1.00 34.00 ? 114 HOH A O     1 
HETATM 339 O O     . HOH C 2 . ? 2.607   6.172  0.295   1.00 34.38 ? 115 HOH A O     1 
HETATM 340 O O     . HOH C 2 . ? -4.861  -5.497 3.432   1.00 41.39 ? 116 HOH A O     1 
HETATM 341 O O     . HOH C 2 . ? -10.734 7.399  -0.103  1.00 33.92 ? 117 HOH A O     1 
HETATM 342 O O     . HOH C 2 . ? -3.472  -3.651 4.660   1.00 51.14 ? 118 HOH A O     1 
HETATM 343 O O     . HOH D 2 . ? -16.152 1.691  -4.860  1.00 27.78 ? 101 HOH B O     1 
HETATM 344 O O     . HOH D 2 . ? 5.174   6.822  4.712   1.00 33.01 ? 102 HOH B O     1 
HETATM 345 O O     . HOH D 2 . ? 10.184  -2.171 5.399   1.00 29.37 ? 103 HOH B O     1 
HETATM 346 O O     . HOH D 2 . ? 0.561   -1.080 3.072   1.00 33.55 ? 104 HOH B O     1 
HETATM 347 O O     . HOH D 2 . ? -5.608  -6.212 -1.026  1.00 33.92 ? 105 HOH B O     1 
HETATM 348 O O     . HOH D 2 . ? 2.005   1.227  3.032   1.00 36.88 ? 106 HOH B O     1 
HETATM 349 O O     . HOH D 2 . ? 3.025   -1.178 5.220   1.00 35.27 ? 107 HOH B O     1 
HETATM 350 O O     . HOH D 2 . ? 4.221   6.632  11.735  1.00 27.88 ? 108 HOH B O     1 
HETATM 351 O O     . HOH D 2 . ? -0.068  -5.201 -0.353  1.00 32.78 ? 109 HOH B O     1 
HETATM 352 O O     . HOH D 2 . ? 8.884   -3.580 -0.367  1.00 30.53 ? 110 HOH B O     1 
HETATM 353 O O     . HOH D 2 . ? 4.187   7.432  7.555   1.00 35.67 ? 111 HOH B O     1 
HETATM 354 O O     . HOH D 2 . ? -0.847  -7.609 -3.639  1.00 32.45 ? 112 HOH B O     1 
HETATM 355 O O     . HOH D 2 . ? -12.660 0.357  0.797   1.00 34.11 ? 113 HOH B O     1 
HETATM 356 O O     . HOH D 2 . ? 11.269  -0.040 8.435   1.00 26.38 ? 114 HOH B O     1 
HETATM 357 O O     . HOH D 2 . ? -2.146  -6.295 -1.556  1.00 35.88 ? 115 HOH B O     1 
HETATM 358 O O     . HOH D 2 . ? 1.515   -7.167 0.282   1.00 38.24 ? 116 HOH B O     1 
HETATM 359 O O     . HOH D 2 . ? -6.321  -0.857 -10.627 1.00 36.94 ? 117 HOH B O     1 
# 
loop_
_pdbx_poly_seq_scheme.asym_id 
_pdbx_poly_seq_scheme.entity_id 
_pdbx_poly_seq_scheme.seq_id 
_pdbx_poly_seq_scheme.mon_id 
_pdbx_poly_seq_scheme.ndb_seq_num 
_pdbx_poly_seq_scheme.pdb_seq_num 
_pdbx_poly_seq_scheme.auth_seq_num 
_pdbx_poly_seq_scheme.pdb_mon_id 
_pdbx_poly_seq_scheme.auth_mon_id 
_pdbx_poly_seq_scheme.pdb_strand_id 
_pdbx_poly_seq_scheme.pdb_ins_code 
_pdbx_poly_seq_scheme.hetero 
A 1 1 0DG 1 1 1 0DG 0DG A . n 
A 1 2 OFC 2 2 2 OFC 0FC A . n 
A 1 3 0DG 3 3 3 0DG 0DG A . n 
A 1 4 0DT 4 4 4 0DT 0DT A . n 
A 1 5 0DA 5 5 5 0DA 0DA A . n 
A 1 6 0DC 6 6 6 0DC 0DC A . n 
A 1 7 0DG 7 7 7 0DG 0DG A . n 
A 1 8 0DC 8 8 8 0DC 0DC A . n 
B 1 1 0DG 1 1 1 0DG 0DG B . n 
B 1 2 OFC 2 2 2 OFC 0FC B . n 
B 1 3 0DG 3 3 3 0DG 0DG B . n 
B 1 4 0DT 4 4 4 0DT 0DT B . n 
B 1 5 0DA 5 5 5 0DA 0DA B . n 
B 1 6 0DC 6 6 6 0DC 0DC B . n 
B 1 7 0DG 7 7 7 0DG 0DG B . n 
B 1 8 0DC 8 8 8 0DC 0DC B . n 
# 
loop_
_pdbx_nonpoly_scheme.asym_id 
_pdbx_nonpoly_scheme.entity_id 
_pdbx_nonpoly_scheme.mon_id 
_pdbx_nonpoly_scheme.ndb_seq_num 
_pdbx_nonpoly_scheme.pdb_seq_num 
_pdbx_nonpoly_scheme.auth_seq_num 
_pdbx_nonpoly_scheme.pdb_mon_id 
_pdbx_nonpoly_scheme.auth_mon_id 
_pdbx_nonpoly_scheme.pdb_strand_id 
_pdbx_nonpoly_scheme.pdb_ins_code 
C 2 HOH 1  101 38 HOH HOH A . 
C 2 HOH 2  102 37 HOH HOH A . 
C 2 HOH 3  103 8  HOH HOH A . 
C 2 HOH 4  104 16 HOH HOH A . 
C 2 HOH 5  105 32 HOH HOH A . 
C 2 HOH 6  106 25 HOH HOH A . 
C 2 HOH 7  107 34 HOH HOH A . 
C 2 HOH 8  108 12 HOH HOH A . 
C 2 HOH 9  109 9  HOH HOH A . 
C 2 HOH 10 110 28 HOH HOH A . 
C 2 HOH 11 111 15 HOH HOH A . 
C 2 HOH 12 112 39 HOH HOH A . 
C 2 HOH 13 113 27 HOH HOH A . 
C 2 HOH 14 114 29 HOH HOH A . 
C 2 HOH 15 115 40 HOH HOH A . 
C 2 HOH 16 116 3  HOH HOH A . 
C 2 HOH 17 117 33 HOH HOH A . 
C 2 HOH 18 118 36 HOH HOH A . 
D 2 HOH 1  101 5  HOH HOH B . 
D 2 HOH 2  102 17 HOH HOH B . 
D 2 HOH 3  103 6  HOH HOH B . 
D 2 HOH 4  104 19 HOH HOH B . 
D 2 HOH 5  105 4  HOH HOH B . 
D 2 HOH 6  106 20 HOH HOH B . 
D 2 HOH 7  107 18 HOH HOH B . 
D 2 HOH 8  108 23 HOH HOH B . 
D 2 HOH 9  109 31 HOH HOH B . 
D 2 HOH 10 110 7  HOH HOH B . 
D 2 HOH 11 111 35 HOH HOH B . 
D 2 HOH 12 112 1  HOH HOH B . 
D 2 HOH 13 113 26 HOH HOH B . 
D 2 HOH 14 114 21 HOH HOH B . 
D 2 HOH 15 115 30 HOH HOH B . 
D 2 HOH 16 116 24 HOH HOH B . 
D 2 HOH 17 117 22 HOH HOH B . 
# 
_pdbx_struct_assembly.id                   1 
_pdbx_struct_assembly.details              author_defined_assembly 
_pdbx_struct_assembly.method_details       ? 
_pdbx_struct_assembly.oligomeric_details   dimeric 
_pdbx_struct_assembly.oligomeric_count     2 
# 
_pdbx_struct_assembly_gen.assembly_id       1 
_pdbx_struct_assembly_gen.oper_expression   1 
_pdbx_struct_assembly_gen.asym_id_list      A,B,C,D 
# 
_pdbx_struct_oper_list.id                   1 
_pdbx_struct_oper_list.type                 'identity operation' 
_pdbx_struct_oper_list.name                 1_555 
_pdbx_struct_oper_list.symmetry_operation   x,y,z 
_pdbx_struct_oper_list.matrix[1][1]         1.0000000000 
_pdbx_struct_oper_list.matrix[1][2]         0.0000000000 
_pdbx_struct_oper_list.matrix[1][3]         0.0000000000 
_pdbx_struct_oper_list.vector[1]            0.0000000000 
_pdbx_struct_oper_list.matrix[2][1]         0.0000000000 
_pdbx_struct_oper_list.matrix[2][2]         1.0000000000 
_pdbx_struct_oper_list.matrix[2][3]         0.0000000000 
_pdbx_struct_oper_list.vector[2]            0.0000000000 
_pdbx_struct_oper_list.matrix[3][1]         0.0000000000 
_pdbx_struct_oper_list.matrix[3][2]         0.0000000000 
_pdbx_struct_oper_list.matrix[3][3]         1.0000000000 
_pdbx_struct_oper_list.vector[3]            0.0000000000 
# 
loop_
_pdbx_audit_revision_history.ordinal 
_pdbx_audit_revision_history.data_content_type 
_pdbx_audit_revision_history.major_revision 
_pdbx_audit_revision_history.minor_revision 
_pdbx_audit_revision_history.revision_date 
1 'Structure model' 1 0 2022-03-16 
2 'Structure model' 1 1 2023-10-18 
# 
_pdbx_audit_revision_details.ordinal             1 
_pdbx_audit_revision_details.revision_ordinal    1 
_pdbx_audit_revision_details.data_content_type   'Structure model' 
_pdbx_audit_revision_details.provider            repository 
_pdbx_audit_revision_details.type                'Initial release' 
_pdbx_audit_revision_details.description         ? 
_pdbx_audit_revision_details.details             ? 
# 
loop_
_pdbx_audit_revision_group.ordinal 
_pdbx_audit_revision_group.revision_ordinal 
_pdbx_audit_revision_group.data_content_type 
_pdbx_audit_revision_group.group 
1 2 'Structure model' 'Data collection'        
2 2 'Structure model' 'Refinement description' 
# 
loop_
_pdbx_audit_revision_category.ordinal 
_pdbx_audit_revision_category.revision_ordinal 
_pdbx_audit_revision_category.data_content_type 
_pdbx_audit_revision_category.category 
1 2 'Structure model' chem_comp_atom                
2 2 'Structure model' chem_comp_bond                
3 2 'Structure model' pdbx_initial_refinement_model 
# 
loop_
_software.citation_id 
_software.classification 
_software.compiler_name 
_software.compiler_version 
_software.contact_author 
_software.contact_author_email 
_software.date 
_software.description 
_software.dependencies 
_software.hardware 
_software.language 
_software.location 
_software.mods 
_software.name 
_software.os 
_software.os_version 
_software.type 
_software.version 
_software.pdbx_ordinal 
? refinement       ? ? ? ? ? ? ? ? ? ? ? REFMAC ? ? ? 5.8.0267 1 
? 'data reduction' ? ? ? ? ? ? ? ? ? ? ? XDS    ? ? ? .        2 
? 'data scaling'   ? ? ? ? ? ? ? ? ? ? ? XDS    ? ? ? .        3 
? phasing          ? ? ? ? ? ? ? ? ? ? ? PHASER ? ? ? .        4 
# 
_pdbx_entry_details.entry_id                 7MOO 
_pdbx_entry_details.has_ligand_of_interest   Y 
_pdbx_entry_details.compound_details         ? 
_pdbx_entry_details.source_details           ? 
_pdbx_entry_details.nonpolymer_details       ? 
_pdbx_entry_details.sequence_details         ? 
# 
loop_
_pdbx_validate_rmsd_bond.id 
_pdbx_validate_rmsd_bond.PDB_model_num 
_pdbx_validate_rmsd_bond.auth_atom_id_1 
_pdbx_validate_rmsd_bond.auth_asym_id_1 
_pdbx_validate_rmsd_bond.auth_comp_id_1 
_pdbx_validate_rmsd_bond.auth_seq_id_1 
_pdbx_validate_rmsd_bond.PDB_ins_code_1 
_pdbx_validate_rmsd_bond.label_alt_id_1 
_pdbx_validate_rmsd_bond.auth_atom_id_2 
_pdbx_validate_rmsd_bond.auth_asym_id_2 
_pdbx_validate_rmsd_bond.auth_comp_id_2 
_pdbx_validate_rmsd_bond.auth_seq_id_2 
_pdbx_validate_rmsd_bond.PDB_ins_code_2 
_pdbx_validate_rmsd_bond.label_alt_id_2 
_pdbx_validate_rmsd_bond.bond_value 
_pdbx_validate_rmsd_bond.bond_target_value 
_pdbx_validate_rmsd_bond.bond_deviation 
_pdbx_validate_rmsd_bond.bond_standard_deviation 
_pdbx_validate_rmsd_bond.linker_flag 
1  1 "C5'" A 0DG 1 ? ? "C4'" A 0DG 1 ? ? 1.583 1.512 0.071  0.007 N 
2  1 "O4'" A 0DG 1 ? ? "C1'" A 0DG 1 ? ? 1.488 1.420 0.068  0.011 N 
3  1 C5    A 0DG 1 ? ? C6    A 0DG 1 ? ? 1.349 1.419 -0.070 0.010 N 
4  1 "O4'" A 0DG 3 ? ? "C1'" A 0DG 3 ? ? 1.501 1.420 0.081  0.011 N 
5  1 C8    A 0DG 3 ? ? N9    A 0DG 3 ? ? 1.331 1.374 -0.043 0.007 N 
6  1 C2    A 0DT 4 ? ? N3    A 0DT 4 ? ? 1.428 1.373 0.055  0.008 N 
7  1 N3    A 0DT 4 ? ? C4    A 0DT 4 ? ? 1.330 1.382 -0.052 0.008 N 
8  1 C6    A 0DT 4 ? ? N1    A 0DT 4 ? ? 1.433 1.378 0.055  0.007 N 
9  1 "O4'" A 0DA 5 ? ? "C4'" A 0DA 5 ? ? 1.369 1.446 -0.077 0.010 N 
10 1 "C5'" A 0DG 7 ? ? "C4'" A 0DG 7 ? ? 1.555 1.512 0.043  0.007 N 
11 1 C5    A 0DG 7 ? ? C6    A 0DG 7 ? ? 1.350 1.419 -0.069 0.010 N 
12 1 C5    A 0DG 7 ? ? N7    A 0DG 7 ? ? 1.337 1.388 -0.051 0.006 N 
13 1 N7    A 0DG 7 ? ? C8    A 0DG 7 ? ? 1.350 1.305 0.045  0.006 N 
14 1 P     A 0DC 8 ? ? "O5'" A 0DC 8 ? ? 1.532 1.593 -0.061 0.010 N 
15 1 "C3'" A 0DC 8 ? ? "C2'" A 0DC 8 ? ? 1.426 1.516 -0.090 0.008 N 
16 1 N3    A 0DC 8 ? ? C4    A 0DC 8 ? ? 1.386 1.335 0.051  0.007 N 
17 1 C5    B 0DG 1 ? ? N7    B 0DG 1 ? ? 1.341 1.388 -0.047 0.006 N 
18 1 N7    B 0DG 1 ? ? C8    B 0DG 1 ? ? 1.344 1.305 0.039  0.006 N 
19 1 C8    B 0DG 3 ? ? N9    B 0DG 3 ? ? 1.299 1.374 -0.075 0.007 N 
20 1 "C3'" B 0DT 4 ? ? "C2'" B 0DT 4 ? ? 1.455 1.516 -0.061 0.008 N 
21 1 C5    B 0DT 4 ? ? C6    B 0DT 4 ? ? 1.402 1.339 0.063  0.007 N 
22 1 "O3'" B 0DA 5 ? ? "C3'" B 0DA 5 ? ? 1.380 1.419 -0.039 0.006 N 
23 1 P     B 0DG 7 ? ? "O5'" B 0DG 7 ? ? 1.661 1.593 0.068  0.010 N 
24 1 "O4'" B 0DG 7 ? ? "C1'" B 0DG 7 ? ? 1.493 1.420 0.073  0.011 N 
25 1 C8    B 0DG 7 ? ? N9    B 0DG 7 ? ? 1.332 1.374 -0.042 0.007 N 
26 1 P     B 0DC 8 ? ? OP1   B 0DC 8 ? ? 1.330 1.485 -0.155 0.017 N 
27 1 P     B 0DC 8 ? ? "O5'" B 0DC 8 ? ? 1.664 1.593 0.071  0.010 N 
28 1 C2    B 0DC 8 ? ? N3    B 0DC 8 ? ? 1.401 1.353 0.048  0.008 N 
29 1 N3    B 0DC 8 ? ? C4    B 0DC 8 ? ? 1.386 1.335 0.051  0.007 N 
# 
loop_
_pdbx_validate_rmsd_angle.id 
_pdbx_validate_rmsd_angle.PDB_model_num 
_pdbx_validate_rmsd_angle.auth_atom_id_1 
_pdbx_validate_rmsd_angle.auth_asym_id_1 
_pdbx_validate_rmsd_angle.auth_comp_id_1 
_pdbx_validate_rmsd_angle.auth_seq_id_1 
_pdbx_validate_rmsd_angle.PDB_ins_code_1 
_pdbx_validate_rmsd_angle.label_alt_id_1 
_pdbx_validate_rmsd_angle.auth_atom_id_2 
_pdbx_validate_rmsd_angle.auth_asym_id_2 
_pdbx_validate_rmsd_angle.auth_comp_id_2 
_pdbx_validate_rmsd_angle.auth_seq_id_2 
_pdbx_validate_rmsd_angle.PDB_ins_code_2 
_pdbx_validate_rmsd_angle.label_alt_id_2 
_pdbx_validate_rmsd_angle.auth_atom_id_3 
_pdbx_validate_rmsd_angle.auth_asym_id_3 
_pdbx_validate_rmsd_angle.auth_comp_id_3 
_pdbx_validate_rmsd_angle.auth_seq_id_3 
_pdbx_validate_rmsd_angle.PDB_ins_code_3 
_pdbx_validate_rmsd_angle.label_alt_id_3 
_pdbx_validate_rmsd_angle.angle_value 
_pdbx_validate_rmsd_angle.angle_target_value 
_pdbx_validate_rmsd_angle.angle_deviation 
_pdbx_validate_rmsd_angle.angle_standard_deviation 
_pdbx_validate_rmsd_angle.linker_flag 
1  1 C2    A 0DG 1 ? ? N3    A 0DG 1 ? ? C4    A 0DG 1 ? ? 115.38 111.90 3.48  0.50 N 
2  1 N3    A 0DG 1 ? ? C4    A 0DG 1 ? ? C5    A 0DG 1 ? ? 123.19 128.60 -5.41 0.50 N 
3  1 C5    A 0DG 1 ? ? C6    A 0DG 1 ? ? N1    A 0DG 1 ? ? 115.29 111.50 3.79  0.50 N 
4  1 C4    A 0DG 1 ? ? C5    A 0DG 1 ? ? N7    A 0DG 1 ? ? 104.76 110.80 -6.04 0.40 N 
5  1 C5    A 0DG 1 ? ? N7    A 0DG 1 ? ? C8    A 0DG 1 ? ? 108.74 104.30 4.44  0.50 N 
6  1 N9    A 0DG 1 ? ? C4    A 0DG 1 ? ? C5    A 0DG 1 ? ? 110.79 105.40 5.39  0.40 N 
7  1 "O4'" A 0DG 3 ? ? "C1'" A 0DG 3 ? ? "C2'" A 0DG 3 ? ? 110.15 106.80 3.35  0.50 N 
8  1 N1    A 0DG 3 ? ? C2    A 0DG 3 ? ? N3    A 0DG 3 ? ? 118.76 123.90 -5.14 0.60 N 
9  1 C2    A 0DG 3 ? ? N3    A 0DG 3 ? ? C4    A 0DG 3 ? ? 115.00 111.90 3.10  0.50 N 
10 1 "O4'" A 0DT 4 ? ? "C4'" A 0DT 4 ? ? "C3'" A 0DT 4 ? ? 100.15 104.50 -4.35 0.40 N 
11 1 C2    A 0DT 4 ? ? N3    A 0DT 4 ? ? C4    A 0DT 4 ? ? 120.65 127.20 -6.55 0.60 N 
12 1 N3    A 0DT 4 ? ? C4    A 0DT 4 ? ? C5    A 0DT 4 ? ? 124.25 115.20 9.05  0.60 N 
13 1 N3    A 0DT 4 ? ? C4    A 0DT 4 ? ? O4    A 0DT 4 ? ? 113.86 119.90 -6.04 0.60 N 
14 1 "C4'" A 0DC 6 ? ? "C3'" A 0DC 6 ? ? "C2'" A 0DC 6 ? ? 96.72  102.20 -5.48 0.70 N 
15 1 C4    A 0DC 6 ? ? C5    A 0DC 6 ? ? C6    A 0DC 6 ? ? 114.05 117.40 -3.35 0.50 N 
16 1 C5    A 0DC 6 ? ? C6    A 0DC 6 ? ? N1    A 0DC 6 ? ? 124.62 121.00 3.62  0.50 N 
17 1 N1    A 0DC 6 ? ? C2    A 0DC 6 ? ? O2    A 0DC 6 ? ? 122.73 118.90 3.83  0.60 N 
18 1 N1    A 0DG 7 ? ? C2    A 0DG 7 ? ? N3    A 0DG 7 ? ? 116.82 123.90 -7.08 0.60 N 
19 1 C2    A 0DG 7 ? ? N3    A 0DG 7 ? ? C4    A 0DG 7 ? ? 116.69 111.90 4.79  0.50 N 
20 1 C5    A 0DG 7 ? ? C6    A 0DG 7 ? ? N1    A 0DG 7 ? ? 114.57 111.50 3.07  0.50 N 
21 1 C4    A 0DG 7 ? ? C5    A 0DG 7 ? ? N7    A 0DG 7 ? ? 107.95 110.80 -2.85 0.40 N 
22 1 C5    A 0DG 7 ? ? N7    A 0DG 7 ? ? C8    A 0DG 7 ? ? 107.82 104.30 3.52  0.50 N 
23 1 N7    A 0DG 7 ? ? C8    A 0DG 7 ? ? N9    A 0DG 7 ? ? 109.84 113.10 -3.26 0.50 N 
24 1 N9    A 0DG 7 ? ? C4    A 0DG 7 ? ? C5    A 0DG 7 ? ? 108.30 105.40 2.90  0.40 N 
25 1 N3    A 0DG 7 ? ? C2    A 0DG 7 ? ? N2    A 0DG 7 ? ? 124.22 119.90 4.32  0.70 N 
26 1 C2    A 0DC 8 ? ? N3    A 0DC 8 ? ? C4    A 0DC 8 ? ? 123.14 119.90 3.24  0.50 N 
27 1 N3    A 0DC 8 ? ? C4    A 0DC 8 ? ? C5    A 0DC 8 ? ? 117.73 121.90 -4.17 0.40 N 
28 1 N1    B 0DG 1 ? ? C2    B 0DG 1 ? ? N3    B 0DG 1 ? ? 119.36 123.90 -4.54 0.60 N 
29 1 C2    B 0DG 1 ? ? N3    B 0DG 1 ? ? C4    B 0DG 1 ? ? 115.11 111.90 3.21  0.50 N 
30 1 C4    B 0DG 1 ? ? C5    B 0DG 1 ? ? N7    B 0DG 1 ? ? 108.35 110.80 -2.45 0.40 N 
31 1 "O4'" B 0DG 3 ? ? "C1'" B 0DG 3 ? ? N9    B 0DG 3 ? ? 102.13 108.00 -5.87 0.70 N 
32 1 C2    B 0DG 3 ? ? N3    B 0DG 3 ? ? C4    B 0DG 3 ? ? 115.90 111.90 4.00  0.50 N 
33 1 N3    B 0DG 3 ? ? C4    B 0DG 3 ? ? C5    B 0DG 3 ? ? 124.76 128.60 -3.84 0.50 N 
34 1 C5    B 0DG 3 ? ? C6    B 0DG 3 ? ? N1    B 0DG 3 ? ? 115.12 111.50 3.62  0.50 N 
35 1 C2    B 0DT 4 ? ? N3    B 0DT 4 ? ? C4    B 0DT 4 ? ? 121.64 127.20 -5.56 0.60 N 
36 1 N3    B 0DT 4 ? ? C4    B 0DT 4 ? ? C5    B 0DT 4 ? ? 122.31 115.20 7.11  0.60 N 
37 1 N3    B 0DT 4 ? ? C2    B 0DT 4 ? ? O2    B 0DT 4 ? ? 118.55 122.30 -3.75 0.60 N 
38 1 "O4'" B 0DA 5 ? ? "C4'" B 0DA 5 ? ? "C3'" B 0DA 5 ? ? 100.84 104.50 -3.66 0.40 N 
39 1 "C4'" B 0DA 5 ? ? "C3'" B 0DA 5 ? ? "C2'" B 0DA 5 ? ? 97.69  102.20 -4.51 0.70 N 
40 1 "C3'" B 0DA 5 ? ? "C2'" B 0DA 5 ? ? "C1'" B 0DA 5 ? ? 96.83  102.40 -5.57 0.80 N 
41 1 "O4'" B 0DC 6 ? ? "C4'" B 0DC 6 ? ? "C3'" B 0DC 6 ? ? 100.63 104.50 -3.87 0.40 N 
42 1 C2    B 0DC 6 ? ? N3    B 0DC 6 ? ? C4    B 0DC 6 ? ? 123.11 119.90 3.21  0.50 N 
43 1 N3    B 0DC 6 ? ? C4    B 0DC 6 ? ? C5    B 0DC 6 ? ? 118.92 121.90 -2.98 0.40 N 
44 1 "O4'" B 0DG 7 ? ? "C4'" B 0DG 7 ? ? "C3'" B 0DG 7 ? ? 100.92 104.50 -3.58 0.40 N 
45 1 "O4'" B 0DC 8 ? ? "C4'" B 0DC 8 ? ? "C3'" B 0DC 8 ? ? 110.24 106.00 4.24  0.60 N 
46 1 "O4'" B 0DC 8 ? ? "C1'" B 0DC 8 ? ? N1    B 0DC 8 ? ? 112.00 108.30 3.70  0.30 N 
47 1 C6    B 0DC 8 ? ? N1    B 0DC 8 ? ? C2    B 0DC 8 ? ? 123.09 120.30 2.79  0.40 N 
48 1 N3    B 0DC 8 ? ? C4    B 0DC 8 ? ? C5    B 0DC 8 ? ? 119.23 121.90 -2.67 0.40 N 
49 1 N3    B 0DC 8 ? ? C4    B 0DC 8 ? ? N4    B 0DC 8 ? ? 113.31 118.00 -4.69 0.70 N 
50 1 C5    B 0DC 8 ? ? C4    B 0DC 8 ? ? N4    B 0DC 8 ? ? 127.40 120.20 7.20  0.70 N 
# 
loop_
_chem_comp_atom.comp_id 
_chem_comp_atom.atom_id 
_chem_comp_atom.type_symbol 
_chem_comp_atom.pdbx_aromatic_flag 
_chem_comp_atom.pdbx_stereo_config 
_chem_comp_atom.pdbx_ordinal 
0DA C8A    C Y N 1   
0DA N9A    N Y N 2   
0DA C4A    C Y N 3   
0DA C5A    C Y N 4   
0DA N7A    N Y N 5   
0DA N3A    N Y N 6   
0DA C2A    C Y N 7   
0DA N1A    N Y N 8   
0DA C6A    C Y N 9   
0DA N6A    N N N 10  
0DA "C4'"  C N S 11  
0DA "O4'"  O N N 12  
0DA "C3'"  C N R 13  
0DA "C2'"  C N N 14  
0DA "C1'"  C N S 15  
0DA "O3'"  O N N 16  
0DA "C5'"  C N N 17  
0DA "O5'"  O N N 18  
0DA P      P N N 19  
0DA OP2    O N N 20  
0DA OP3    O N N 21  
0DA OP1    O N N 22  
0DA H8A    H N N 23  
0DA H2A    H N N 24  
0DA HN61   H N N 25  
0DA HN62   H N N 26  
0DA "H4'"  H N N 27  
0DA "H3'"  H N N 28  
0DA "H2'"  H N N 29  
0DA "H2''" H N N 30  
0DA "H1'"  H N N 31  
0DA "HO3'" H N N 32  
0DA "H5'"  H N N 33  
0DA "H5''" H N N 34  
0DA H2P    H N N 35  
0DA HOP3   H N N 36  
0DC OP3    O N N 37  
0DC P      P N N 38  
0DC OP1    O N N 39  
0DC OP2    O N N 40  
0DC "O5'"  O N N 41  
0DC "C5'"  C N N 42  
0DC "C4'"  C N S 43  
0DC "O4'"  O N N 44  
0DC "C3'"  C N R 45  
0DC "O3'"  O N N 46  
0DC "C2'"  C N N 47  
0DC "C1'"  C N S 48  
0DC N1     N N N 49  
0DC C2     C N N 50  
0DC O2     O N N 51  
0DC N3     N N N 52  
0DC C4     C N N 53  
0DC N4     N N N 54  
0DC C5     C N N 55  
0DC C6     C N N 56  
0DC HOP3   H N N 57  
0DC HOP2   H N N 58  
0DC "H5'"  H N N 59  
0DC "H5''" H N N 60  
0DC "H4'"  H N N 61  
0DC "H3'"  H N N 62  
0DC "HO3'" H N N 63  
0DC "H2'"  H N N 64  
0DC "H2''" H N N 65  
0DC "H1'"  H N N 66  
0DC H41    H N N 67  
0DC H42    H N N 68  
0DC H5     H N N 69  
0DC H6     H N N 70  
0DG OP3    O N N 71  
0DG P      P N N 72  
0DG OP1    O N N 73  
0DG OP2    O N N 74  
0DG "O5'"  O N N 75  
0DG "C5'"  C N N 76  
0DG "C4'"  C N S 77  
0DG "O4'"  O N N 78  
0DG "C3'"  C N R 79  
0DG "O3'"  O N N 80  
0DG "C2'"  C N N 81  
0DG "C1'"  C N S 82  
0DG N9     N Y N 83  
0DG C8     C Y N 84  
0DG N7     N Y N 85  
0DG C5     C Y N 86  
0DG C6     C N N 87  
0DG O6     O N N 88  
0DG N1     N N N 89  
0DG C2     C N N 90  
0DG N2     N N N 91  
0DG N3     N N N 92  
0DG C4     C Y N 93  
0DG HOP3   H N N 94  
0DG HOP2   H N N 95  
0DG "H5'"  H N N 96  
0DG "H5''" H N N 97  
0DG "H4'"  H N N 98  
0DG "H3'"  H N N 99  
0DG "HO3'" H N N 100 
0DG "H2'"  H N N 101 
0DG "H2''" H N N 102 
0DG "H1'"  H N N 103 
0DG H8     H N N 104 
0DG H1     H N N 105 
0DG H21    H N N 106 
0DG H22    H N N 107 
0DT OP3    O N N 108 
0DT P      P N N 109 
0DT OP1    O N N 110 
0DT OP2    O N N 111 
0DT "O5'"  O N N 112 
0DT "C5'"  C N N 113 
0DT "C4'"  C N S 114 
0DT "O4'"  O N N 115 
0DT "C3'"  C N R 116 
0DT "O3'"  O N N 117 
0DT "C2'"  C N N 118 
0DT "C1'"  C N S 119 
0DT N1     N N N 120 
0DT C2     C N N 121 
0DT O2     O N N 122 
0DT N3     N N N 123 
0DT C4     C N N 124 
0DT O4     O N N 125 
0DT C5     C N N 126 
0DT C5M    C N N 127 
0DT C6     C N N 128 
0DT HOP3   H N N 129 
0DT HOP2   H N N 130 
0DT "H5'"  H N N 131 
0DT "H5''" H N N 132 
0DT "H4'"  H N N 133 
0DT "H3'"  H N N 134 
0DT "HO3'" H N N 135 
0DT "H2'"  H N N 136 
0DT "H2''" H N N 137 
0DT "H1'"  H N N 138 
0DT H3     H N N 139 
0DT H71    H N N 140 
0DT H72    H N N 141 
0DT H73    H N N 142 
0DT H6     H N N 143 
HOH O      O N N 144 
HOH H1     H N N 145 
HOH H2     H N N 146 
OFC N1     N N N 147 
OFC C2     C N N 148 
OFC O2     O N N 149 
OFC P      P N N 150 
OFC N3     N N N 151 
OFC C4     C N N 152 
OFC N4     N N N 153 
OFC C5     C N N 154 
OFC C6     C N N 155 
OFC "C1'"  C N S 156 
OFC "O4'"  O N N 157 
OFC "C2'"  C N S 158 
OFC "F2'"  F N N 159 
OFC "C3'"  C N S 160 
OFC "O3'"  O N N 161 
OFC "C4'"  C N S 162 
OFC "C5'"  C N N 163 
OFC "O5'"  O N N 164 
OFC OP1    O N N 165 
OFC OP2    O N N 166 
OFC H41    H N N 167 
OFC H42    H N N 168 
OFC H5     H N N 169 
OFC H6     H N N 170 
OFC "H1'"  H N N 171 
OFC "H2'"  H N N 172 
OFC "H3'"  H N N 173 
OFC "HO3'" H N N 174 
OFC "H4'"  H N N 175 
OFC "H5'"  H N N 176 
OFC "H5''" H N N 177 
OFC HOP2   H N N 178 
OFC OP3    O N N 179 
OFC HOP3   H N N 180 
# 
loop_
_chem_comp_bond.comp_id 
_chem_comp_bond.atom_id_1 
_chem_comp_bond.atom_id_2 
_chem_comp_bond.value_order 
_chem_comp_bond.pdbx_aromatic_flag 
_chem_comp_bond.pdbx_stereo_config 
_chem_comp_bond.pdbx_ordinal 
0DA C8A   N9A    sing Y N 1   
0DA C8A   N7A    doub Y N 2   
0DA N9A   C4A    sing Y N 3   
0DA N9A   "C1'"  sing N N 4   
0DA C4A   C5A    doub Y N 5   
0DA C4A   N3A    sing Y N 6   
0DA C5A   N7A    sing Y N 7   
0DA C5A   C6A    sing Y N 8   
0DA N3A   C2A    doub Y N 9   
0DA C2A   N1A    sing Y N 10  
0DA N1A   C6A    doub Y N 11  
0DA C6A   N6A    sing N N 12  
0DA "C4'" "O4'"  sing N N 13  
0DA "C4'" "C3'"  sing N N 14  
0DA "O4'" "C1'"  sing N N 15  
0DA "C3'" "C2'"  sing N N 16  
0DA "C2'" "C1'"  sing N N 17  
0DA "C3'" "O3'"  sing N N 18  
0DA "C4'" "C5'"  sing N N 19  
0DA "C5'" "O5'"  sing N N 20  
0DA "O5'" P      sing N N 21  
0DA P     OP2    sing N N 22  
0DA P     OP3    sing N N 23  
0DA P     OP1    doub N N 24  
0DA C8A   H8A    sing N N 25  
0DA C2A   H2A    sing N N 26  
0DA N6A   HN61   sing N N 27  
0DA N6A   HN62   sing N N 28  
0DA "C4'" "H4'"  sing N N 29  
0DA "C3'" "H3'"  sing N N 30  
0DA "C2'" "H2'"  sing N N 31  
0DA "C2'" "H2''" sing N N 32  
0DA "C1'" "H1'"  sing N N 33  
0DA "O3'" "HO3'" sing N N 34  
0DA "C5'" "H5'"  sing N N 35  
0DA "C5'" "H5''" sing N N 36  
0DA OP2   H2P    sing N N 37  
0DA OP3   HOP3   sing N N 38  
0DC OP3   P      sing N N 39  
0DC OP3   HOP3   sing N N 40  
0DC P     OP1    doub N N 41  
0DC P     OP2    sing N N 42  
0DC P     "O5'"  sing N N 43  
0DC OP2   HOP2   sing N N 44  
0DC "O5'" "C5'"  sing N N 45  
0DC "C5'" "C4'"  sing N N 46  
0DC "C5'" "H5'"  sing N N 47  
0DC "C5'" "H5''" sing N N 48  
0DC "C4'" "O4'"  sing N N 49  
0DC "C4'" "C3'"  sing N N 50  
0DC "C4'" "H4'"  sing N N 51  
0DC "O4'" "C1'"  sing N N 52  
0DC "C3'" "O3'"  sing N N 53  
0DC "C3'" "C2'"  sing N N 54  
0DC "C3'" "H3'"  sing N N 55  
0DC "O3'" "HO3'" sing N N 56  
0DC "C2'" "C1'"  sing N N 57  
0DC "C2'" "H2'"  sing N N 58  
0DC "C2'" "H2''" sing N N 59  
0DC "C1'" N1     sing N N 60  
0DC "C1'" "H1'"  sing N N 61  
0DC N1    C2     sing N N 62  
0DC N1    C6     sing N N 63  
0DC C2    O2     doub N N 64  
0DC C2    N3     sing N N 65  
0DC N3    C4     doub N N 66  
0DC C4    N4     sing N N 67  
0DC C4    C5     sing N N 68  
0DC N4    H41    sing N N 69  
0DC N4    H42    sing N N 70  
0DC C5    C6     doub N N 71  
0DC C5    H5     sing N N 72  
0DC C6    H6     sing N N 73  
0DG OP3   P      sing N N 74  
0DG OP3   HOP3   sing N N 75  
0DG P     OP1    doub N N 76  
0DG P     OP2    sing N N 77  
0DG P     "O5'"  sing N N 78  
0DG OP2   HOP2   sing N N 79  
0DG "O5'" "C5'"  sing N N 80  
0DG "C5'" "C4'"  sing N N 81  
0DG "C5'" "H5'"  sing N N 82  
0DG "C5'" "H5''" sing N N 83  
0DG "C4'" "O4'"  sing N N 84  
0DG "C4'" "C3'"  sing N N 85  
0DG "C4'" "H4'"  sing N N 86  
0DG "O4'" "C1'"  sing N N 87  
0DG "C3'" "O3'"  sing N N 88  
0DG "C3'" "C2'"  sing N N 89  
0DG "C3'" "H3'"  sing N N 90  
0DG "O3'" "HO3'" sing N N 91  
0DG "C2'" "C1'"  sing N N 92  
0DG "C2'" "H2'"  sing N N 93  
0DG "C2'" "H2''" sing N N 94  
0DG "C1'" N9     sing N N 95  
0DG "C1'" "H1'"  sing N N 96  
0DG N9    C8     sing Y N 97  
0DG N9    C4     sing Y N 98  
0DG C8    N7     doub Y N 99  
0DG C8    H8     sing N N 100 
0DG N7    C5     sing Y N 101 
0DG C5    C6     sing N N 102 
0DG C5    C4     doub Y N 103 
0DG C6    O6     doub N N 104 
0DG C6    N1     sing N N 105 
0DG N1    C2     sing N N 106 
0DG N1    H1     sing N N 107 
0DG C2    N2     sing N N 108 
0DG C2    N3     doub N N 109 
0DG N2    H21    sing N N 110 
0DG N2    H22    sing N N 111 
0DG N3    C4     sing N N 112 
0DT OP3   P      sing N N 113 
0DT OP3   HOP3   sing N N 114 
0DT P     OP1    doub N N 115 
0DT P     OP2    sing N N 116 
0DT P     "O5'"  sing N N 117 
0DT OP2   HOP2   sing N N 118 
0DT "O5'" "C5'"  sing N N 119 
0DT "C5'" "C4'"  sing N N 120 
0DT "C5'" "H5'"  sing N N 121 
0DT "C5'" "H5''" sing N N 122 
0DT "C4'" "O4'"  sing N N 123 
0DT "C4'" "C3'"  sing N N 124 
0DT "C4'" "H4'"  sing N N 125 
0DT "O4'" "C1'"  sing N N 126 
0DT "C3'" "O3'"  sing N N 127 
0DT "C3'" "C2'"  sing N N 128 
0DT "C3'" "H3'"  sing N N 129 
0DT "O3'" "HO3'" sing N N 130 
0DT "C2'" "C1'"  sing N N 131 
0DT "C2'" "H2'"  sing N N 132 
0DT "C2'" "H2''" sing N N 133 
0DT "C1'" N1     sing N N 134 
0DT "C1'" "H1'"  sing N N 135 
0DT N1    C2     sing N N 136 
0DT N1    C6     sing N N 137 
0DT C2    O2     doub N N 138 
0DT C2    N3     sing N N 139 
0DT N3    C4     sing N N 140 
0DT N3    H3     sing N N 141 
0DT C4    O4     doub N N 142 
0DT C4    C5     sing N N 143 
0DT C5    C5M    sing N N 144 
0DT C5    C6     doub N N 145 
0DT C5M   H71    sing N N 146 
0DT C5M   H72    sing N N 147 
0DT C5M   H73    sing N N 148 
0DT C6    H6     sing N N 149 
HOH O     H1     sing N N 150 
HOH O     H2     sing N N 151 
OFC "C5'" "C4'"  sing N N 152 
OFC "C5'" "O5'"  sing N N 153 
OFC "C4'" "O4'"  sing N N 154 
OFC "C4'" "C3'"  sing N N 155 
OFC "F2'" "C2'"  sing N N 156 
OFC "O4'" "C1'"  sing N N 157 
OFC OP2   P      sing N N 158 
OFC "O3'" "C3'"  sing N N 159 
OFC "C1'" "C2'"  sing N N 160 
OFC "C1'" N1     sing N N 161 
OFC "O5'" P      sing N N 162 
OFC "C3'" "C2'"  sing N N 163 
OFC P     OP1    doub N N 164 
OFC N1    C6     sing N N 165 
OFC N1    C2     sing N N 166 
OFC O2    C2     doub N N 167 
OFC C6    C5     doub N N 168 
OFC C2    N3     sing N N 169 
OFC C5    C4     sing N N 170 
OFC N3    C4     doub N N 171 
OFC C4    N4     sing N N 172 
OFC N4    H41    sing N N 173 
OFC N4    H42    sing N N 174 
OFC C5    H5     sing N N 175 
OFC C6    H6     sing N N 176 
OFC "C1'" "H1'"  sing N N 177 
OFC "C2'" "H2'"  sing N N 178 
OFC "C3'" "H3'"  sing N N 179 
OFC "O3'" "HO3'" sing N N 180 
OFC "C4'" "H4'"  sing N N 181 
OFC "C5'" "H5'"  sing N N 182 
OFC "C5'" "H5''" sing N N 183 
OFC OP2   HOP2   sing N N 184 
OFC P     OP3    sing N N 185 
OFC OP3   HOP3   sing N N 186 
# 
loop_
_ndb_struct_conf_na.entry_id 
_ndb_struct_conf_na.feature 
7MOO 'double helix'        
7MOO 'z-form double helix' 
# 
loop_
_ndb_struct_na_base_pair.model_number 
_ndb_struct_na_base_pair.i_label_asym_id 
_ndb_struct_na_base_pair.i_label_comp_id 
_ndb_struct_na_base_pair.i_label_seq_id 
_ndb_struct_na_base_pair.i_symmetry 
_ndb_struct_na_base_pair.j_label_asym_id 
_ndb_struct_na_base_pair.j_label_comp_id 
_ndb_struct_na_base_pair.j_label_seq_id 
_ndb_struct_na_base_pair.j_symmetry 
_ndb_struct_na_base_pair.shear 
_ndb_struct_na_base_pair.stretch 
_ndb_struct_na_base_pair.stagger 
_ndb_struct_na_base_pair.buckle 
_ndb_struct_na_base_pair.propeller 
_ndb_struct_na_base_pair.opening 
_ndb_struct_na_base_pair.pair_number 
_ndb_struct_na_base_pair.pair_name 
_ndb_struct_na_base_pair.i_auth_asym_id 
_ndb_struct_na_base_pair.i_auth_seq_id 
_ndb_struct_na_base_pair.i_PDB_ins_code 
_ndb_struct_na_base_pair.j_auth_asym_id 
_ndb_struct_na_base_pair.j_auth_seq_id 
_ndb_struct_na_base_pair.j_PDB_ins_code 
_ndb_struct_na_base_pair.hbond_type_28 
_ndb_struct_na_base_pair.hbond_type_12 
1 A 0DG 1 1_555 B 0DC 8 1_555 -0.384 -0.049 0.220  6.967 0.241  0.714  1 A_0DG1:0DC8_B A 1 ? B 8 ? 19 1 
1 A 0DG 3 1_555 B 0DC 6 1_555 -0.230 -0.157 0.026  6.730 11.398 -2.481 2 A_0DG3:0DC6_B A 3 ? B 6 ? 19 1 
1 A 0DC 6 1_555 B 0DG 3 1_555 -0.247 -0.128 -0.053 9.442 14.978 0.719  3 A_0DC6:0DG3_B A 6 ? B 3 ? 19 1 
1 A 0DC 8 1_555 B 0DG 1 1_555 -0.262 -0.063 -0.091 9.735 5.420  0.181  4 A_0DC8:0DG1_B A 8 ? B 1 ? 19 1 
# 
_ndb_struct_na_base_pair_step.model_number        1 
_ndb_struct_na_base_pair_step.i_label_asym_id_1   A 
_ndb_struct_na_base_pair_step.i_label_comp_id_1   0DC 
_ndb_struct_na_base_pair_step.i_label_seq_id_1    6 
_ndb_struct_na_base_pair_step.i_symmetry_1        1_555 
_ndb_struct_na_base_pair_step.j_label_asym_id_1   B 
_ndb_struct_na_base_pair_step.j_label_comp_id_1   0DG 
_ndb_struct_na_base_pair_step.j_label_seq_id_1    3 
_ndb_struct_na_base_pair_step.j_symmetry_1        1_555 
_ndb_struct_na_base_pair_step.i_label_asym_id_2   A 
_ndb_struct_na_base_pair_step.i_label_comp_id_2   0DC 
_ndb_struct_na_base_pair_step.i_label_seq_id_2    8 
_ndb_struct_na_base_pair_step.i_symmetry_2        1_555 
_ndb_struct_na_base_pair_step.j_label_asym_id_2   B 
_ndb_struct_na_base_pair_step.j_label_comp_id_2   0DG 
_ndb_struct_na_base_pair_step.j_label_seq_id_2    1 
_ndb_struct_na_base_pair_step.j_symmetry_2        1_555 
_ndb_struct_na_base_pair_step.shift               -0.441 
_ndb_struct_na_base_pair_step.slide               -3.073 
_ndb_struct_na_base_pair_step.rise                6.449 
_ndb_struct_na_base_pair_step.tilt                0.577 
_ndb_struct_na_base_pair_step.roll                -16.729 
_ndb_struct_na_base_pair_step.twist               -63.027 
_ndb_struct_na_base_pair_step.x_displacement      4.169 
_ndb_struct_na_base_pair_step.y_displacement      -0.365 
_ndb_struct_na_base_pair_step.helical_rise        5.569 
_ndb_struct_na_base_pair_step.inclination         15.711 
_ndb_struct_na_base_pair_step.tip                 0.542 
_ndb_struct_na_base_pair_step.helical_twist       -64.990 
_ndb_struct_na_base_pair_step.step_number         1 
_ndb_struct_na_base_pair_step.step_name           AA_0DC60DC8:0DG10DG3_BB 
_ndb_struct_na_base_pair_step.i_auth_asym_id_1    A 
_ndb_struct_na_base_pair_step.i_auth_seq_id_1     6 
_ndb_struct_na_base_pair_step.i_PDB_ins_code_1    ? 
_ndb_struct_na_base_pair_step.j_auth_asym_id_1    B 
_ndb_struct_na_base_pair_step.j_auth_seq_id_1     3 
_ndb_struct_na_base_pair_step.j_PDB_ins_code_1    ? 
_ndb_struct_na_base_pair_step.i_auth_asym_id_2    A 
_ndb_struct_na_base_pair_step.i_auth_seq_id_2     8 
_ndb_struct_na_base_pair_step.i_PDB_ins_code_2    ? 
_ndb_struct_na_base_pair_step.j_auth_asym_id_2    B 
_ndb_struct_na_base_pair_step.j_auth_seq_id_2     1 
_ndb_struct_na_base_pair_step.j_PDB_ins_code_2    ? 
# 
_pdbx_entity_instance_feature.ordinal        1 
_pdbx_entity_instance_feature.comp_id        OFC 
_pdbx_entity_instance_feature.asym_id        ? 
_pdbx_entity_instance_feature.seq_num        ? 
_pdbx_entity_instance_feature.auth_comp_id   OFC 
_pdbx_entity_instance_feature.auth_asym_id   ? 
_pdbx_entity_instance_feature.auth_seq_num   ? 
_pdbx_entity_instance_feature.feature_type   'SUBJECT OF INVESTIGATION' 
_pdbx_entity_instance_feature.details        ? 
# 
_pdbx_entity_nonpoly.entity_id   2 
_pdbx_entity_nonpoly.name        water 
_pdbx_entity_nonpoly.comp_id     HOH 
# 
_pdbx_initial_refinement_model.id               1 
_pdbx_initial_refinement_model.entity_id_list   ? 
_pdbx_initial_refinement_model.type             'experimental model' 
_pdbx_initial_refinement_model.source_name      PDB 
_pdbx_initial_refinement_model.accession_code   7KW4 
_pdbx_initial_refinement_model.details          ? 
# 
_pdbx_struct_assembly_auth_evidence.id                     1 
_pdbx_struct_assembly_auth_evidence.assembly_id            1 
_pdbx_struct_assembly_auth_evidence.experimental_support   none 
_pdbx_struct_assembly_auth_evidence.details                ? 
# 
